data_4YJF
#
_entry.id   4YJF
#
_cell.length_a   68.844
_cell.length_b   91.973
_cell.length_c   110.178
_cell.angle_alpha   90.00
_cell.angle_beta   90.00
_cell.angle_gamma   90.00
#
_symmetry.space_group_name_H-M   'P 21 21 21'
#
loop_
_entity.id
_entity.type
_entity.pdbx_description
1 polymer 'D-amino-acid oxidase'
2 polymer 'D-amino-acid oxidase'
3 non-polymer 'FLAVIN-ADENINE DINUCLEOTIDE'
4 non-polymer 'SULFATE ION'
5 non-polymer (1S)-1-phenylethanamine
6 water water
#
loop_
_entity_poly.entity_id
_entity_poly.type
_entity_poly.pdbx_seq_one_letter_code
_entity_poly.pdbx_strand_id
1 'polypeptide(L)'
;MRVVVIGAGVIGLSTALCIHERYHSVLQPLDVKVYADRFTPFTTTDVAAGLWQPYTSEPSNPQEANWNQQTFNYLLSHIG
SPNAANMGLTPVSGYNLFREAVPDPYWKDMVLGFRKLTPRELDMFPDYRYGWFNTSLILEGRKYLQWLTERLTERGVKFF
LRKVESFEEVARGGADVIINCTGVWAGVLQPDPLLQPGRGQIIKVDAPWLKNFIITHDLERGIYNSPLIIPGLQAVTLGG
TFQVGNWNEINNIQDHNTIWEGCCRLEPTLKDAKIVGEYTGFGPVRPQVRLEREQLRFGSSNTEVIHNYGHGGYGLTIHW
GCALEVAKLFGKVLEERNLLT
;
A
2 'polypeptide(L)'
;MRVVVIGAGVIGLSTALCIHERYHSVLQPLDVKVYADRFTPFTTTDVAAGLWQPYTSEPSNPQEANWNQQTFNYLLSHIG
SPNAANMGLTPVSGYNLFREAVPDPYWKDMVLGFRKLTPRELDMFPDYRYGWFNTSLILEGRKYLQWLTERLTERGVKFF
LRKVESFEEVARGGADVIINCTGVWAGVLQPDPLLQPGRGQIIKVDAPWLKNFIITHDLERGIYNSPLIIPGLQAVTLGG
TFQVGNWNEINNIQDHNTIWEGCCRLEPTLKDAKIVGEYTGFGPVRPQVRLEREQLRFGSSNTEVIHNYGHGGYGLTIHW
GCALEVAKLFGKVLEERNL
;
B
#
loop_
_chem_comp.id
_chem_comp.type
_chem_comp.name
_chem_comp.formula
98B non-polymer (1S)-1-phenylethanamine 'C8 H11 N'
FAD non-polymer 'FLAVIN-ADENINE DINUCLEOTIDE' 'C27 H33 N9 O15 P2'
SO4 non-polymer 'SULFATE ION' 'O4 S -2'
#
# COMPACT_ATOMS: atom_id res chain seq x y z
N MET A 1 -29.39 -34.32 5.50
CA MET A 1 -28.00 -34.83 5.38
C MET A 1 -27.16 -34.53 6.61
N ARG A 2 -26.38 -35.51 7.04
CA ARG A 2 -25.29 -35.20 7.91
C ARG A 2 -24.07 -35.06 7.02
N VAL A 3 -23.45 -33.89 7.08
CA VAL A 3 -22.28 -33.58 6.27
C VAL A 3 -21.12 -33.28 7.23
N VAL A 4 -20.04 -34.02 7.06
CA VAL A 4 -18.84 -33.75 7.80
C VAL A 4 -17.81 -33.20 6.81
N VAL A 5 -17.39 -31.97 7.05
CA VAL A 5 -16.27 -31.38 6.35
C VAL A 5 -15.00 -31.67 7.14
N ILE A 6 -14.02 -32.30 6.49
CA ILE A 6 -12.73 -32.52 7.12
C ILE A 6 -11.72 -31.49 6.64
N GLY A 7 -11.29 -30.62 7.57
CA GLY A 7 -10.36 -29.55 7.27
C GLY A 7 -10.89 -28.17 7.63
N ALA A 8 -10.08 -27.40 8.35
CA ALA A 8 -10.46 -26.04 8.75
C ALA A 8 -9.49 -24.98 8.18
N GLY A 9 -8.80 -25.32 7.09
CA GLY A 9 -8.08 -24.32 6.33
C GLY A 9 -9.02 -23.58 5.39
N VAL A 10 -8.49 -22.80 4.46
CA VAL A 10 -9.34 -21.98 3.61
C VAL A 10 -10.30 -22.88 2.83
N ILE A 11 -9.82 -24.01 2.36
CA ILE A 11 -10.65 -24.82 1.47
C ILE A 11 -11.83 -25.44 2.24
N GLY A 12 -11.53 -26.01 3.40
CA GLY A 12 -12.56 -26.58 4.26
C GLY A 12 -13.63 -25.59 4.69
N LEU A 13 -13.23 -24.47 5.24
CA LEU A 13 -14.19 -23.52 5.79
C LEU A 13 -15.01 -22.84 4.69
N SER A 14 -14.39 -22.49 3.57
CA SER A 14 -15.12 -21.87 2.47
C SER A 14 -16.15 -22.84 1.90
N THR A 15 -15.77 -24.10 1.79
CA THR A 15 -16.64 -25.11 1.24
C THR A 15 -17.83 -25.32 2.20
N ALA A 16 -17.54 -25.43 3.49
CA ALA A 16 -18.58 -25.62 4.48
C ALA A 16 -19.58 -24.45 4.43
N LEU A 17 -19.06 -23.22 4.36
CA LEU A 17 -19.93 -22.07 4.28
C LEU A 17 -20.76 -22.12 3.01
N CYS A 18 -20.13 -22.46 1.90
CA CYS A 18 -20.81 -22.38 0.63
C CYS A 18 -21.95 -23.39 0.56
N ILE A 19 -21.70 -24.60 1.07
CA ILE A 19 -22.75 -25.61 1.12
C ILE A 19 -23.88 -25.12 2.02
N HIS A 20 -23.55 -24.64 3.21
CA HIS A 20 -24.58 -24.26 4.17
C HIS A 20 -25.44 -23.13 3.61
N GLU A 21 -24.81 -22.14 3.01
CA GLU A 21 -25.55 -20.99 2.45
C GLU A 21 -26.51 -21.43 1.37
N ARG A 22 -26.11 -22.41 0.60
CA ARG A 22 -26.86 -22.74 -0.60
C ARG A 22 -28.02 -23.67 -0.23
N TYR A 23 -27.84 -24.51 0.79
CA TYR A 23 -28.81 -25.57 1.03
C TYR A 23 -29.51 -25.54 2.40
N HIS A 24 -29.15 -24.60 3.28
CA HIS A 24 -29.83 -24.51 4.56
C HIS A 24 -31.35 -24.35 4.35
N SER A 25 -31.73 -23.48 3.43
CA SER A 25 -33.13 -23.09 3.30
C SER A 25 -34.01 -24.19 2.70
N VAL A 26 -33.45 -25.08 1.89
CA VAL A 26 -34.27 -26.06 1.18
C VAL A 26 -34.18 -27.47 1.77
N LEU A 27 -33.21 -27.69 2.63
CA LEU A 27 -33.03 -28.97 3.24
C LEU A 27 -32.98 -28.80 4.75
N GLN A 28 -34.12 -28.99 5.41
CA GLN A 28 -34.25 -28.69 6.84
C GLN A 28 -33.33 -29.54 7.73
N PRO A 29 -33.26 -30.87 7.51
CA PRO A 29 -32.35 -31.52 8.41
C PRO A 29 -30.96 -31.51 7.81
N LEU A 30 -30.41 -30.32 7.63
CA LEU A 30 -29.04 -30.21 7.16
C LEU A 30 -28.19 -29.97 8.37
N ASP A 31 -27.29 -30.91 8.62
CA ASP A 31 -26.41 -30.91 9.77
C ASP A 31 -24.96 -30.91 9.27
N VAL A 32 -24.32 -29.75 9.31
CA VAL A 32 -22.96 -29.59 8.81
C VAL A 32 -22.00 -29.41 9.97
N LYS A 33 -20.99 -30.28 10.04
CA LYS A 33 -19.94 -30.19 11.04
C LYS A 33 -18.58 -30.12 10.39
N VAL A 34 -17.65 -29.43 11.07
CA VAL A 34 -16.26 -29.41 10.67
C VAL A 34 -15.42 -30.20 11.66
N TYR A 35 -14.67 -31.18 11.16
CA TYR A 35 -13.66 -31.91 11.94
C TYR A 35 -12.29 -31.46 11.46
N ALA A 36 -11.36 -31.12 12.37
CA ALA A 36 -9.98 -30.90 11.96
C ALA A 36 -9.00 -31.06 13.13
N ASP A 37 -7.74 -31.32 12.81
CA ASP A 37 -6.72 -31.50 13.84
C ASP A 37 -5.80 -30.29 13.92
N ARG A 38 -6.04 -29.28 13.08
CA ARG A 38 -5.37 -27.98 13.18
C ARG A 38 -6.38 -26.89 12.83
N PHE A 39 -6.45 -25.85 13.67
CA PHE A 39 -7.24 -24.67 13.36
C PHE A 39 -6.33 -23.45 13.40
N THR A 40 -6.78 -22.35 12.80
CA THR A 40 -6.04 -21.08 12.85
C THR A 40 -5.60 -20.78 14.26
N PRO A 41 -4.36 -20.28 14.44
CA PRO A 41 -3.40 -19.93 13.38
C PRO A 41 -2.46 -21.08 12.95
N PHE A 42 -2.87 -22.33 13.09
CA PHE A 42 -1.94 -23.45 12.85
C PHE A 42 -2.11 -24.23 11.53
N THR A 43 -2.81 -23.65 10.56
CA THR A 43 -2.97 -24.31 9.27
C THR A 43 -2.00 -23.74 8.26
N THR A 44 -1.80 -24.44 7.14
CA THR A 44 -0.99 -23.92 6.05
C THR A 44 -1.52 -22.59 5.58
N THR A 45 -2.84 -22.48 5.54
CA THR A 45 -3.50 -21.26 5.13
C THR A 45 -2.99 -20.04 5.93
N ASP A 46 -2.74 -20.22 7.22
CA ASP A 46 -2.33 -19.09 8.06
C ASP A 46 -0.95 -18.55 7.71
N VAL A 47 -0.20 -19.36 7.02
CA VAL A 47 1.17 -19.07 6.68
C VAL A 47 1.26 -18.48 5.25
N ALA A 48 0.18 -18.55 4.49
CA ALA A 48 0.14 -18.04 3.12
C ALA A 48 0.54 -16.57 3.08
N ALA A 49 1.22 -16.20 2.01
CA ALA A 49 1.65 -14.83 1.81
C ALA A 49 0.49 -13.84 1.82
N GLY A 50 -0.68 -14.25 1.32
CA GLY A 50 -1.90 -13.45 1.37
C GLY A 50 -2.37 -12.89 0.01
N LEU A 51 -1.67 -13.13 -1.08
CA LEU A 51 -1.99 -12.41 -2.33
C LEU A 51 -2.84 -13.21 -3.31
N TRP A 52 -3.75 -12.54 -4.00
CA TRP A 52 -4.44 -13.19 -5.12
C TRP A 52 -3.56 -13.10 -6.34
N GLN A 53 -3.06 -14.23 -6.81
CA GLN A 53 -2.34 -14.32 -8.06
C GLN A 53 -2.09 -15.77 -8.41
N PRO A 54 -2.64 -16.21 -9.55
CA PRO A 54 -2.41 -17.58 -10.03
C PRO A 54 -0.98 -17.78 -10.47
N TYR A 55 -0.62 -19.04 -10.71
CA TYR A 55 0.64 -19.34 -11.35
C TYR A 55 0.74 -18.60 -12.70
N THR A 56 1.96 -18.44 -13.18
CA THR A 56 2.20 -17.72 -14.43
C THR A 56 1.79 -18.51 -15.67
N SER A 57 1.77 -19.84 -15.60
CA SER A 57 1.43 -20.64 -16.78
C SER A 57 -0.02 -21.13 -16.70
N GLU A 58 -0.63 -21.48 -17.83
CA GLU A 58 -2.02 -21.96 -17.82
C GLU A 58 -2.09 -23.31 -17.09
N PRO A 59 -3.12 -23.52 -16.27
CA PRO A 59 -3.16 -24.79 -15.55
C PRO A 59 -3.58 -25.96 -16.44
N SER A 60 -3.17 -27.17 -16.07
CA SER A 60 -3.54 -28.42 -16.76
C SER A 60 -5.04 -28.61 -16.93
N ASN A 61 -5.77 -28.36 -15.85
CA ASN A 61 -7.22 -28.28 -15.88
C ASN A 61 -7.71 -26.82 -16.06
N PRO A 62 -8.18 -26.48 -17.26
CA PRO A 62 -8.63 -25.14 -17.51
C PRO A 62 -9.81 -24.72 -16.62
N GLN A 63 -10.55 -25.67 -16.04
CA GLN A 63 -11.60 -25.31 -15.08
C GLN A 63 -11.02 -24.45 -13.98
N GLU A 64 -9.74 -24.66 -13.68
CA GLU A 64 -9.10 -23.91 -12.63
C GLU A 64 -9.07 -22.42 -12.95
N ALA A 65 -8.99 -22.08 -14.24
CA ALA A 65 -8.96 -20.67 -14.61
C ALA A 65 -10.29 -19.99 -14.24
N ASN A 66 -11.39 -20.66 -14.52
CA ASN A 66 -12.70 -20.14 -14.11
C ASN A 66 -12.82 -20.02 -12.60
N TRP A 67 -12.30 -21.00 -11.86
CA TRP A 67 -12.40 -20.95 -10.41
C TRP A 67 -11.63 -19.78 -9.82
N ASN A 68 -10.48 -19.48 -10.42
CA ASN A 68 -9.72 -18.33 -10.04
C ASN A 68 -10.50 -17.06 -10.30
N GLN A 69 -11.06 -16.96 -11.50
CA GLN A 69 -11.83 -15.80 -11.90
C GLN A 69 -13.03 -15.61 -10.98
N GLN A 70 -13.78 -16.66 -10.74
CA GLN A 70 -14.94 -16.55 -9.83
C GLN A 70 -14.47 -16.09 -8.46
N THR A 71 -13.29 -16.54 -8.04
CA THR A 71 -12.81 -16.16 -6.71
C THR A 71 -12.53 -14.67 -6.72
N PHE A 72 -11.85 -14.17 -7.77
CA PHE A 72 -11.53 -12.75 -7.83
C PHE A 72 -12.79 -11.88 -7.81
N ASN A 73 -13.76 -12.20 -8.67
CA ASN A 73 -14.99 -11.44 -8.78
C ASN A 73 -15.76 -11.48 -7.48
N TYR A 74 -15.81 -12.66 -6.86
CA TYR A 74 -16.38 -12.76 -5.53
C TYR A 74 -15.72 -11.79 -4.54
N LEU A 75 -14.39 -11.82 -4.45
CA LEU A 75 -13.70 -11.00 -3.44
C LEU A 75 -13.83 -9.54 -3.81
N LEU A 76 -13.64 -9.21 -5.08
CA LEU A 76 -13.75 -7.84 -5.55
C LEU A 76 -15.07 -7.22 -5.14
N SER A 77 -16.13 -8.03 -5.21
CA SER A 77 -17.47 -7.54 -4.94
C SER A 77 -17.64 -7.06 -3.50
N HIS A 78 -16.75 -7.48 -2.60
CA HIS A 78 -16.76 -6.99 -1.22
C HIS A 78 -16.03 -5.68 -0.98
N ILE A 79 -15.30 -5.21 -1.99
CA ILE A 79 -14.63 -3.92 -1.85
C ILE A 79 -15.63 -2.77 -1.98
N GLY A 80 -15.70 -1.96 -0.94
CA GLY A 80 -16.78 -1.01 -0.79
C GLY A 80 -17.60 -1.39 0.41
N SER A 81 -17.54 -2.67 0.80
CA SER A 81 -18.22 -3.14 1.98
C SER A 81 -17.54 -2.73 3.27
N PRO A 82 -18.33 -2.39 4.32
CA PRO A 82 -17.68 -2.02 5.54
C PRO A 82 -16.80 -3.10 6.17
N ASN A 83 -17.06 -4.37 5.89
CA ASN A 83 -16.33 -5.45 6.58
C ASN A 83 -15.20 -6.10 5.77
N ALA A 84 -14.81 -5.48 4.66
CA ALA A 84 -13.83 -6.09 3.78
C ALA A 84 -12.54 -6.36 4.52
N ALA A 85 -12.03 -5.39 5.28
CA ALA A 85 -10.80 -5.59 6.04
C ALA A 85 -10.91 -6.63 7.15
N ASN A 86 -12.05 -6.65 7.82
CA ASN A 86 -12.30 -7.70 8.82
C ASN A 86 -12.32 -9.11 8.21
N MET A 87 -12.62 -9.20 6.92
CA MET A 87 -12.58 -10.47 6.25
C MET A 87 -11.15 -10.87 5.87
N GLY A 88 -10.19 -9.95 6.03
CA GLY A 88 -8.78 -10.16 5.59
C GLY A 88 -8.47 -9.63 4.19
N LEU A 89 -9.35 -8.77 3.68
CA LEU A 89 -9.36 -8.36 2.30
C LEU A 89 -9.06 -6.89 2.16
N THR A 90 -8.12 -6.54 1.30
CA THR A 90 -7.93 -5.15 0.90
C THR A 90 -7.26 -5.14 -0.46
N PRO A 91 -7.51 -4.09 -1.27
CA PRO A 91 -6.82 -4.00 -2.57
C PRO A 91 -5.34 -3.67 -2.38
N VAL A 92 -4.50 -4.17 -3.28
CA VAL A 92 -3.05 -3.87 -3.33
C VAL A 92 -2.62 -3.82 -4.75
N SER A 93 -1.61 -3.00 -5.01
CA SER A 93 -0.99 -2.90 -6.33
C SER A 93 0.43 -3.41 -6.27
N GLY A 94 0.96 -3.88 -7.39
CA GLY A 94 2.31 -4.41 -7.35
C GLY A 94 2.95 -4.83 -8.65
N TYR A 95 4.15 -5.39 -8.51
CA TYR A 95 5.03 -5.59 -9.63
C TYR A 95 5.37 -7.07 -9.76
N ASN A 96 5.39 -7.56 -11.00
CA ASN A 96 5.93 -8.88 -11.31
C ASN A 96 7.16 -8.70 -12.23
N LEU A 97 8.31 -9.21 -11.80
CA LEU A 97 9.57 -8.88 -12.43
C LEU A 97 10.28 -10.08 -13.04
N PHE A 98 10.77 -9.89 -14.26
CA PHE A 98 11.44 -10.94 -15.03
C PHE A 98 12.78 -10.47 -15.61
N ARG A 99 13.70 -11.41 -15.81
CA ARG A 99 14.99 -11.13 -16.40
C ARG A 99 14.93 -11.12 -17.93
N GLU A 100 13.77 -11.45 -18.49
CA GLU A 100 13.56 -11.40 -19.93
C GLU A 100 12.08 -11.32 -20.28
N ALA A 101 11.81 -11.00 -21.54
CA ALA A 101 10.44 -10.89 -22.01
C ALA A 101 9.70 -12.23 -21.89
N VAL A 102 8.45 -12.16 -21.44
CA VAL A 102 7.60 -13.36 -21.30
C VAL A 102 6.20 -13.09 -21.85
N PRO A 103 5.44 -14.13 -22.16
CA PRO A 103 4.09 -13.81 -22.59
C PRO A 103 3.23 -13.27 -21.44
N ASP A 104 2.16 -12.57 -21.78
CA ASP A 104 1.15 -12.16 -20.80
C ASP A 104 0.52 -13.38 -20.13
N PRO A 105 0.19 -13.26 -18.83
CA PRO A 105 -0.45 -14.38 -18.14
C PRO A 105 -1.88 -14.49 -18.53
N TYR A 106 -2.45 -15.69 -18.39
CA TYR A 106 -3.83 -15.91 -18.76
C TYR A 106 -4.77 -15.09 -17.90
N TRP A 107 -4.31 -14.70 -16.71
CA TRP A 107 -5.14 -13.96 -15.76
C TRP A 107 -5.07 -12.44 -15.88
N LYS A 108 -4.42 -11.96 -16.93
CA LYS A 108 -4.14 -10.51 -17.09
C LYS A 108 -5.39 -9.64 -17.13
N ASP A 109 -6.50 -10.19 -17.57
CA ASP A 109 -7.75 -9.44 -17.55
C ASP A 109 -8.57 -9.66 -16.29
N MET A 110 -8.24 -10.70 -15.52
CA MET A 110 -8.92 -10.89 -14.24
C MET A 110 -8.53 -9.82 -13.22
N VAL A 111 -7.24 -9.52 -13.13
CA VAL A 111 -6.79 -8.44 -12.25
C VAL A 111 -7.21 -7.08 -12.81
N LEU A 112 -6.84 -6.04 -12.09
CA LEU A 112 -7.19 -4.68 -12.44
C LEU A 112 -5.98 -3.92 -13.02
N GLY A 113 -6.15 -3.32 -14.20
CA GLY A 113 -5.16 -2.36 -14.68
C GLY A 113 -3.85 -3.01 -15.06
N PHE A 114 -3.91 -4.23 -15.54
CA PHE A 114 -2.69 -4.90 -15.96
C PHE A 114 -1.98 -4.13 -17.08
N ARG A 115 -0.68 -3.94 -16.95
CA ARG A 115 0.12 -3.41 -18.07
C ARG A 115 1.59 -3.81 -17.93
N LYS A 116 2.36 -3.58 -18.98
CA LYS A 116 3.80 -3.77 -18.91
C LYS A 116 4.48 -2.63 -18.17
N LEU A 117 5.61 -2.93 -17.56
CA LEU A 117 6.38 -1.90 -16.86
C LEU A 117 7.10 -1.01 -17.87
N THR A 118 7.17 0.28 -17.57
CA THR A 118 7.89 1.28 -18.37
C THR A 118 9.35 1.37 -17.91
N PRO A 119 10.24 1.93 -18.75
CA PRO A 119 11.65 2.03 -18.38
C PRO A 119 11.92 2.66 -17.01
N ARG A 120 11.19 3.71 -16.65
CA ARG A 120 11.43 4.36 -15.34
C ARG A 120 11.04 3.44 -14.21
N GLU A 121 9.97 2.67 -14.41
CA GLU A 121 9.56 1.69 -13.41
C GLU A 121 10.64 0.61 -13.28
N LEU A 122 11.21 0.20 -14.40
CA LEU A 122 12.25 -0.81 -14.36
C LEU A 122 13.50 -0.33 -13.62
N ASP A 123 13.72 1.00 -13.61
CA ASP A 123 14.87 1.60 -12.89
C ASP A 123 14.79 1.40 -11.38
N MET A 124 13.57 1.25 -10.84
CA MET A 124 13.39 0.99 -9.40
C MET A 124 13.91 -0.40 -9.02
N PHE A 125 13.92 -1.32 -10.00
CA PHE A 125 14.31 -2.73 -9.80
C PHE A 125 15.45 -3.15 -10.76
N PRO A 126 16.69 -2.70 -10.48
CA PRO A 126 17.84 -2.82 -11.36
C PRO A 126 18.11 -4.21 -11.96
N ASP A 127 17.95 -5.27 -11.19
CA ASP A 127 18.28 -6.61 -11.66
C ASP A 127 17.37 -7.19 -12.76
N TYR A 128 16.35 -6.44 -13.17
CA TYR A 128 15.28 -7.00 -13.99
C TYR A 128 15.02 -6.10 -15.18
N ARG A 129 14.56 -6.68 -16.29
CA ARG A 129 14.46 -5.96 -17.56
C ARG A 129 13.05 -5.97 -18.13
N TYR A 130 12.17 -6.74 -17.52
CA TYR A 130 10.83 -6.83 -18.03
C TYR A 130 9.86 -7.16 -16.89
N GLY A 131 8.65 -6.63 -16.95
CA GLY A 131 7.65 -6.99 -15.97
C GLY A 131 6.26 -6.42 -16.18
N TRP A 132 5.41 -6.68 -15.19
CA TRP A 132 4.03 -6.25 -15.19
C TRP A 132 3.73 -5.37 -13.99
N PHE A 133 2.72 -4.53 -14.15
CA PHE A 133 2.09 -3.86 -13.02
C PHE A 133 0.65 -4.29 -13.03
N ASN A 134 0.07 -4.50 -11.87
CA ASN A 134 -1.40 -4.62 -11.79
C ASN A 134 -1.90 -4.35 -10.39
N THR A 135 -3.21 -4.18 -10.26
CA THR A 135 -3.83 -4.14 -8.96
C THR A 135 -4.53 -5.49 -8.70
N SER A 136 -4.35 -6.03 -7.50
CA SER A 136 -5.04 -7.26 -7.08
C SER A 136 -5.58 -7.11 -5.68
N LEU A 137 -5.76 -8.22 -4.97
CA LEU A 137 -6.28 -8.18 -3.60
C LEU A 137 -5.42 -8.98 -2.64
N ILE A 138 -5.17 -8.42 -1.47
CA ILE A 138 -4.67 -9.17 -0.32
C ILE A 138 -5.84 -9.95 0.26
N LEU A 139 -5.66 -11.24 0.52
CA LEU A 139 -6.62 -12.01 1.32
C LEU A 139 -5.80 -12.71 2.39
N GLU A 140 -5.79 -12.15 3.58
CA GLU A 140 -4.94 -12.68 4.66
C GLU A 140 -5.56 -13.94 5.24
N GLY A 141 -4.81 -15.03 5.14
CA GLY A 141 -5.28 -16.34 5.50
C GLY A 141 -5.83 -16.37 6.91
N ARG A 142 -5.00 -15.92 7.83
CA ARG A 142 -5.32 -15.80 9.24
C ARG A 142 -6.65 -15.07 9.49
N LYS A 143 -6.80 -13.85 8.99
CA LYS A 143 -8.02 -13.11 9.20
C LYS A 143 -9.19 -13.77 8.51
N TYR A 144 -8.99 -14.29 7.32
CA TYR A 144 -10.11 -14.86 6.58
C TYR A 144 -10.60 -16.11 7.28
N LEU A 145 -9.68 -16.92 7.79
CA LEU A 145 -10.12 -18.08 8.56
C LEU A 145 -10.95 -17.64 9.76
N GLN A 146 -10.48 -16.65 10.50
CA GLN A 146 -11.26 -16.10 11.63
C GLN A 146 -12.65 -15.57 11.21
N TRP A 147 -12.74 -14.86 10.08
CA TRP A 147 -14.04 -14.43 9.55
C TRP A 147 -14.93 -15.64 9.21
N LEU A 148 -14.39 -16.58 8.47
CA LEU A 148 -15.19 -17.75 8.09
C LEU A 148 -15.67 -18.52 9.31
N THR A 149 -14.82 -18.72 10.29
CA THR A 149 -15.28 -19.51 11.43
C THR A 149 -16.42 -18.77 12.19
N GLU A 150 -16.36 -17.45 12.26
CA GLU A 150 -17.47 -16.68 12.85
C GLU A 150 -18.75 -16.77 12.03
N ARG A 151 -18.64 -16.65 10.72
CA ARG A 151 -19.81 -16.74 9.87
C ARG A 151 -20.45 -18.15 9.98
N LEU A 152 -19.60 -19.15 10.09
CA LEU A 152 -20.04 -20.53 10.18
C LEU A 152 -20.74 -20.74 11.52
N THR A 153 -20.10 -20.27 12.58
CA THR A 153 -20.61 -20.43 13.93
C THR A 153 -21.99 -19.81 14.11
N GLU A 154 -22.18 -18.62 13.58
CA GLU A 154 -23.47 -17.94 13.64
C GLU A 154 -24.53 -18.71 12.92
N ARG A 155 -24.15 -19.49 11.94
CA ARG A 155 -25.14 -20.22 11.14
C ARG A 155 -25.37 -21.60 11.75
N GLY A 156 -24.78 -21.82 12.92
CA GLY A 156 -25.01 -23.07 13.66
C GLY A 156 -24.13 -24.24 13.21
N VAL A 157 -23.06 -23.97 12.47
CA VAL A 157 -22.14 -25.04 12.08
C VAL A 157 -21.17 -25.28 13.25
N LYS A 158 -21.04 -26.54 13.64
CA LYS A 158 -20.25 -26.88 14.81
C LYS A 158 -18.86 -27.41 14.44
N PHE A 159 -17.88 -27.02 15.24
CA PHE A 159 -16.48 -27.40 15.03
C PHE A 159 -16.04 -28.42 16.05
N PHE A 160 -15.20 -29.38 15.62
CA PHE A 160 -14.67 -30.44 16.48
C PHE A 160 -13.19 -30.70 16.23
N LEU A 161 -12.40 -30.72 17.31
CA LEU A 161 -11.01 -31.16 17.28
C LEU A 161 -11.03 -32.68 17.12
N ARG A 162 -10.54 -33.16 16.00
CA ARG A 162 -10.62 -34.58 15.68
C ARG A 162 -9.52 -34.91 14.67
N LYS A 163 -8.65 -35.86 14.97
CA LYS A 163 -7.74 -36.36 13.95
C LYS A 163 -8.40 -37.55 13.31
N VAL A 164 -8.83 -37.41 12.06
CA VAL A 164 -9.57 -38.47 11.38
C VAL A 164 -8.59 -39.52 10.88
N GLU A 165 -8.88 -40.77 11.19
CA GLU A 165 -7.99 -41.88 10.91
C GLU A 165 -8.39 -42.52 9.58
N SER A 166 -9.67 -42.46 9.24
CA SER A 166 -10.16 -43.02 7.98
C SER A 166 -11.50 -42.41 7.63
N PHE A 167 -11.87 -42.52 6.36
CA PHE A 167 -13.19 -42.16 5.94
C PHE A 167 -14.20 -43.11 6.56
N GLU A 168 -13.82 -44.39 6.68
CA GLU A 168 -14.70 -45.39 7.28
C GLU A 168 -15.23 -44.92 8.66
N GLU A 169 -14.34 -44.49 9.53
CA GLU A 169 -14.77 -44.16 10.89
C GLU A 169 -15.78 -43.02 10.91
N VAL A 170 -15.66 -42.10 9.96
CA VAL A 170 -16.57 -40.96 9.88
C VAL A 170 -17.91 -41.38 9.31
N ALA A 171 -17.88 -42.24 8.30
CA ALA A 171 -19.12 -42.77 7.73
C ALA A 171 -19.91 -43.56 8.77
N ARG A 172 -19.23 -44.42 9.51
CA ARG A 172 -19.91 -45.23 10.51
C ARG A 172 -20.34 -44.40 11.73
N GLY A 173 -19.71 -43.26 11.95
CA GLY A 173 -20.17 -42.30 12.93
C GLY A 173 -21.45 -41.57 12.50
N GLY A 174 -21.92 -41.83 11.28
CA GLY A 174 -23.23 -41.35 10.84
C GLY A 174 -23.23 -40.39 9.64
N ALA A 175 -22.07 -39.98 9.17
CA ALA A 175 -22.04 -38.99 8.09
C ALA A 175 -22.59 -39.59 6.80
N ASP A 176 -23.49 -38.89 6.13
CA ASP A 176 -24.01 -39.27 4.81
C ASP A 176 -23.06 -38.77 3.74
N VAL A 177 -22.48 -37.61 3.99
CA VAL A 177 -21.59 -36.95 3.03
C VAL A 177 -20.36 -36.42 3.74
N ILE A 178 -19.21 -36.76 3.19
CA ILE A 178 -17.91 -36.32 3.69
C ILE A 178 -17.28 -35.41 2.64
N ILE A 179 -16.86 -34.21 3.05
CA ILE A 179 -16.14 -33.32 2.15
C ILE A 179 -14.70 -33.33 2.63
N ASN A 180 -13.82 -33.76 1.74
CA ASN A 180 -12.44 -34.00 2.08
C ASN A 180 -11.56 -32.81 1.71
N CYS A 181 -11.29 -31.96 2.68
CA CYS A 181 -10.46 -30.77 2.48
C CYS A 181 -9.23 -30.81 3.38
N THR A 182 -8.48 -31.88 3.23
CA THR A 182 -7.37 -32.19 4.11
C THR A 182 -6.02 -31.71 3.58
N GLY A 183 -6.04 -30.91 2.52
CA GLY A 183 -4.82 -30.28 2.04
C GLY A 183 -3.74 -31.28 1.71
N VAL A 184 -2.52 -31.00 2.17
CA VAL A 184 -1.37 -31.79 1.76
C VAL A 184 -1.32 -33.16 2.42
N TRP A 185 -2.18 -33.39 3.42
CA TRP A 185 -2.19 -34.67 4.14
C TRP A 185 -3.29 -35.65 3.70
N ALA A 186 -3.95 -35.35 2.58
CA ALA A 186 -5.05 -36.19 2.09
C ALA A 186 -4.64 -37.65 1.87
N GLY A 187 -3.36 -37.83 1.51
CA GLY A 187 -2.80 -39.15 1.20
C GLY A 187 -2.91 -40.13 2.36
N VAL A 188 -2.96 -39.58 3.56
CA VAL A 188 -3.16 -40.39 4.75
C VAL A 188 -4.49 -41.15 4.70
N LEU A 189 -5.55 -40.51 4.19
CA LEU A 189 -6.90 -41.12 4.19
C LEU A 189 -7.16 -41.94 2.95
N GLN A 190 -6.42 -41.62 1.89
CA GLN A 190 -6.53 -42.36 0.65
C GLN A 190 -5.27 -42.06 -0.16
N PRO A 191 -4.46 -43.09 -0.43
CA PRO A 191 -3.22 -42.83 -1.10
C PRO A 191 -3.44 -42.02 -2.38
N ASP A 192 -2.62 -41.01 -2.56
CA ASP A 192 -2.61 -40.22 -3.78
C ASP A 192 -1.16 -39.80 -4.05
N PRO A 193 -0.45 -40.55 -4.90
CA PRO A 193 0.94 -40.19 -5.16
C PRO A 193 1.13 -38.92 -6.01
N LEU A 194 0.07 -38.34 -6.55
CA LEU A 194 0.21 -37.10 -7.33
C LEU A 194 0.33 -35.89 -6.42
N LEU A 195 0.04 -36.10 -5.14
CA LEU A 195 0.03 -35.06 -4.14
C LEU A 195 1.36 -34.99 -3.42
N GLN A 196 2.01 -33.84 -3.48
CA GLN A 196 3.32 -33.66 -2.87
C GLN A 196 3.37 -32.38 -2.07
N PRO A 197 4.21 -32.37 -1.04
CA PRO A 197 4.35 -31.15 -0.29
C PRO A 197 5.15 -30.11 -1.04
N GLY A 198 4.64 -28.89 -1.08
CA GLY A 198 5.41 -27.77 -1.61
C GLY A 198 5.94 -26.96 -0.46
N ARG A 199 7.16 -27.23 -0.05
CA ARG A 199 7.71 -26.57 1.13
C ARG A 199 8.08 -25.12 0.85
N GLY A 200 7.39 -24.23 1.55
CA GLY A 200 7.62 -22.81 1.47
C GLY A 200 8.03 -22.26 2.81
N GLN A 201 9.14 -21.53 2.84
CA GLN A 201 9.54 -20.85 4.05
C GLN A 201 9.39 -19.36 3.84
N ILE A 202 9.06 -18.65 4.90
CA ILE A 202 8.86 -17.22 4.82
C ILE A 202 9.37 -16.51 6.06
N ILE A 203 9.67 -15.22 5.91
CA ILE A 203 10.02 -14.35 7.02
C ILE A 203 8.97 -13.22 7.09
N LYS A 204 8.36 -13.04 8.25
CA LYS A 204 7.43 -11.97 8.46
C LYS A 204 8.15 -10.85 9.16
N VAL A 205 7.80 -9.63 8.77
CA VAL A 205 8.60 -8.50 9.07
C VAL A 205 7.68 -7.27 9.25
N ASP A 206 8.07 -6.40 10.17
CA ASP A 206 7.43 -5.12 10.36
C ASP A 206 8.12 -4.08 9.48
N ALA A 207 7.45 -3.71 8.39
CA ALA A 207 7.96 -2.72 7.45
C ALA A 207 6.77 -2.04 6.81
N PRO A 208 6.02 -1.30 7.62
CA PRO A 208 4.74 -0.79 7.15
C PRO A 208 4.80 0.20 6.00
N TRP A 209 6.01 0.75 5.72
CA TRP A 209 6.18 1.66 4.59
C TRP A 209 6.02 1.00 3.23
N LEU A 210 6.13 -0.31 3.16
CA LEU A 210 5.99 -1.00 1.87
C LEU A 210 4.50 -1.20 1.55
N LYS A 211 4.03 -0.54 0.49
CA LYS A 211 2.62 -0.57 0.15
C LYS A 211 2.29 -1.47 -1.04
N ASN A 212 3.32 -2.01 -1.71
CA ASN A 212 3.12 -2.72 -2.96
C ASN A 212 3.69 -4.13 -2.89
N PHE A 213 3.09 -5.09 -3.59
CA PHE A 213 3.72 -6.37 -3.67
C PHE A 213 4.77 -6.34 -4.77
N ILE A 214 5.85 -7.09 -4.53
CA ILE A 214 6.93 -7.23 -5.49
C ILE A 214 7.29 -8.69 -5.61
N ILE A 215 7.05 -9.25 -6.80
CA ILE A 215 7.32 -10.66 -7.06
C ILE A 215 8.30 -10.81 -8.22
N THR A 216 9.44 -11.40 -7.93
CA THR A 216 10.43 -11.71 -8.95
C THR A 216 10.26 -13.15 -9.41
N HIS A 217 10.67 -13.42 -10.65
CA HIS A 217 10.60 -14.76 -11.19
C HIS A 217 11.94 -15.21 -11.79
N ASP A 218 12.23 -16.48 -11.60
CA ASP A 218 13.39 -17.08 -12.19
C ASP A 218 12.92 -18.30 -12.98
N LEU A 219 12.84 -18.13 -14.30
CA LEU A 219 12.23 -19.11 -15.17
C LEU A 219 12.88 -20.47 -15.10
N GLU A 220 14.12 -20.51 -14.65
CA GLU A 220 14.84 -21.76 -14.57
C GLU A 220 14.60 -22.48 -13.26
N ARG A 221 14.39 -21.74 -12.17
CA ARG A 221 14.34 -22.40 -10.88
C ARG A 221 12.92 -22.73 -10.45
N GLY A 222 11.93 -22.44 -11.28
CA GLY A 222 10.55 -22.78 -10.93
C GLY A 222 9.87 -21.73 -10.06
N ILE A 223 8.55 -21.87 -9.94
CA ILE A 223 7.71 -20.78 -9.39
C ILE A 223 7.96 -20.54 -7.86
N TYR A 224 8.09 -19.26 -7.50
CA TYR A 224 8.32 -18.83 -6.10
C TYR A 224 9.66 -19.30 -5.51
N ASN A 225 10.58 -19.67 -6.39
CA ASN A 225 11.98 -19.87 -6.01
C ASN A 225 12.79 -18.67 -6.47
N SER A 226 12.32 -17.49 -6.04
CA SER A 226 12.86 -16.21 -6.46
C SER A 226 12.26 -15.22 -5.46
N PRO A 227 12.97 -14.14 -5.10
CA PRO A 227 12.52 -13.30 -4.01
C PRO A 227 11.13 -12.70 -4.25
N LEU A 228 10.33 -12.65 -3.19
CA LEU A 228 9.01 -12.02 -3.23
C LEU A 228 8.66 -11.27 -1.95
N ILE A 229 7.92 -10.19 -2.11
CA ILE A 229 7.60 -9.32 -1.00
C ILE A 229 6.15 -8.96 -1.07
N ILE A 230 5.42 -9.29 -0.02
CA ILE A 230 3.98 -9.10 -0.03
C ILE A 230 3.49 -8.46 1.25
N PRO A 231 3.08 -7.18 1.13
CA PRO A 231 2.53 -6.45 2.26
C PRO A 231 1.24 -7.08 2.73
N GLY A 232 1.16 -7.39 4.01
CA GLY A 232 -0.07 -7.87 4.58
C GLY A 232 -0.81 -6.75 5.27
N LEU A 233 -1.88 -7.13 5.98
CA LEU A 233 -2.66 -6.18 6.69
C LEU A 233 -1.82 -5.50 7.80
N GLN A 234 -0.95 -6.25 8.47
CA GLN A 234 -0.18 -5.70 9.60
C GLN A 234 1.32 -5.95 9.52
N ALA A 235 1.74 -6.75 8.56
CA ALA A 235 3.10 -7.16 8.49
C ALA A 235 3.37 -7.41 7.06
N VAL A 236 4.64 -7.65 6.75
CA VAL A 236 5.06 -7.94 5.39
C VAL A 236 5.65 -9.33 5.30
N THR A 237 5.23 -10.08 4.31
CA THR A 237 5.78 -11.40 4.09
C THR A 237 6.90 -11.36 3.06
N LEU A 238 8.03 -11.91 3.46
CA LEU A 238 9.18 -12.08 2.58
C LEU A 238 9.30 -13.55 2.26
N GLY A 239 9.49 -13.88 0.99
CA GLY A 239 9.59 -15.26 0.56
C GLY A 239 10.65 -15.48 -0.50
N GLY A 240 10.69 -16.70 -1.01
CA GLY A 240 11.68 -17.06 -2.02
C GLY A 240 12.05 -18.53 -2.17
N THR A 241 11.42 -19.41 -1.41
CA THR A 241 11.65 -20.86 -1.60
C THR A 241 10.34 -21.60 -1.70
N PHE A 242 10.33 -22.65 -2.52
CA PHE A 242 9.11 -23.42 -2.74
C PHE A 242 9.43 -24.76 -3.33
N GLN A 243 9.82 -25.68 -2.45
CA GLN A 243 10.51 -26.90 -2.85
C GLN A 243 9.62 -28.14 -2.76
N VAL A 244 9.33 -28.79 -3.90
CA VAL A 244 8.42 -29.95 -3.90
C VAL A 244 9.14 -31.21 -3.41
N GLY A 245 8.43 -31.97 -2.58
CA GLY A 245 8.93 -33.26 -2.12
C GLY A 245 9.58 -33.22 -0.75
N ASN A 246 9.72 -32.02 -0.18
CA ASN A 246 10.43 -31.86 1.08
C ASN A 246 9.46 -31.74 2.26
N TRP A 247 9.50 -32.72 3.16
CA TRP A 247 8.55 -32.81 4.26
C TRP A 247 9.10 -32.20 5.55
N ASN A 248 10.24 -31.53 5.49
CA ASN A 248 10.81 -30.96 6.72
C ASN A 248 10.04 -29.74 7.22
N GLU A 249 9.37 -29.86 8.36
CA GLU A 249 8.53 -28.76 8.86
C GLU A 249 9.27 -27.71 9.70
N ILE A 250 10.56 -27.92 9.93
CA ILE A 250 11.39 -27.02 10.71
C ILE A 250 11.99 -25.95 9.79
N ASN A 251 12.05 -24.71 10.25
CA ASN A 251 12.79 -23.67 9.54
C ASN A 251 14.26 -24.04 9.43
N ASN A 252 14.88 -23.81 8.27
CA ASN A 252 16.33 -23.97 8.19
C ASN A 252 17.06 -22.66 7.87
N ILE A 253 18.37 -22.68 8.13
CA ILE A 253 19.17 -21.49 8.07
C ILE A 253 19.43 -21.09 6.62
N GLN A 254 19.65 -22.05 5.74
CA GLN A 254 20.00 -21.75 4.35
C GLN A 254 18.89 -21.04 3.57
N ASP A 255 17.65 -21.44 3.81
CA ASP A 255 16.49 -20.79 3.19
C ASP A 255 16.25 -19.41 3.80
N HIS A 256 16.38 -19.29 5.12
CA HIS A 256 16.35 -17.97 5.78
C HIS A 256 17.25 -16.96 5.07
N ASN A 257 18.49 -17.37 4.81
CA ASN A 257 19.47 -16.52 4.18
C ASN A 257 19.11 -16.20 2.74
N THR A 258 18.71 -17.23 1.99
CA THR A 258 18.27 -17.03 0.62
C THR A 258 17.16 -15.97 0.59
N ILE A 259 16.19 -16.06 1.52
CA ILE A 259 15.03 -15.15 1.55
C ILE A 259 15.46 -13.74 1.96
N TRP A 260 16.20 -13.65 3.06
CA TRP A 260 16.60 -12.36 3.58
C TRP A 260 17.46 -11.62 2.58
N GLU A 261 18.50 -12.27 2.11
CA GLU A 261 19.47 -11.60 1.26
C GLU A 261 18.87 -11.29 -0.11
N GLY A 262 18.03 -12.19 -0.62
CA GLY A 262 17.34 -11.94 -1.89
C GLY A 262 16.42 -10.75 -1.78
N CYS A 263 15.66 -10.71 -0.70
CA CYS A 263 14.70 -9.64 -0.49
C CYS A 263 15.38 -8.33 -0.10
N CYS A 264 16.45 -8.37 0.70
CA CYS A 264 17.20 -7.13 1.03
C CYS A 264 17.79 -6.58 -0.29
N ARG A 265 18.21 -7.45 -1.20
CA ARG A 265 18.70 -6.98 -2.50
C ARG A 265 17.61 -6.30 -3.34
N LEU A 266 16.41 -6.87 -3.35
CA LEU A 266 15.24 -6.31 -4.06
C LEU A 266 14.76 -4.99 -3.47
N GLU A 267 14.73 -4.96 -2.15
CA GLU A 267 14.11 -3.89 -1.41
C GLU A 267 15.04 -3.53 -0.27
N PRO A 268 16.06 -2.71 -0.59
CA PRO A 268 17.10 -2.46 0.42
C PRO A 268 16.64 -1.74 1.69
N THR A 269 15.45 -1.13 1.70
CA THR A 269 14.94 -0.48 2.91
C THR A 269 14.68 -1.51 4.02
N LEU A 270 14.69 -2.79 3.66
CA LEU A 270 14.42 -3.88 4.61
C LEU A 270 15.48 -3.94 5.73
N LYS A 271 16.61 -3.28 5.53
CA LYS A 271 17.62 -3.24 6.57
C LYS A 271 17.02 -2.79 7.90
N ASP A 272 16.02 -1.92 7.89
CA ASP A 272 15.50 -1.44 9.15
C ASP A 272 14.23 -2.12 9.61
N ALA A 273 13.88 -3.21 8.96
CA ALA A 273 12.64 -3.88 9.29
C ALA A 273 12.85 -4.88 10.41
N LYS A 274 11.94 -4.91 11.38
CA LYS A 274 12.06 -5.81 12.50
C LYS A 274 11.47 -7.17 12.14
N ILE A 275 12.24 -8.23 12.33
CA ILE A 275 11.75 -9.59 12.15
C ILE A 275 10.73 -9.91 13.23
N VAL A 276 9.60 -10.46 12.83
CA VAL A 276 8.47 -10.69 13.72
C VAL A 276 8.19 -12.19 13.83
N GLY A 277 8.58 -12.95 12.83
CA GLY A 277 8.41 -14.39 12.86
C GLY A 277 8.96 -15.05 11.60
N GLU A 278 9.28 -16.33 11.71
CA GLU A 278 9.73 -17.08 10.58
C GLU A 278 8.90 -18.37 10.53
N TYR A 279 8.44 -18.75 9.33
CA TYR A 279 7.53 -19.91 9.23
C TYR A 279 7.74 -20.80 8.01
N THR A 280 7.28 -22.04 8.15
CA THR A 280 7.41 -23.05 7.10
C THR A 280 6.06 -23.71 6.94
N GLY A 281 5.61 -23.85 5.70
CA GLY A 281 4.33 -24.48 5.42
C GLY A 281 4.44 -25.36 4.19
N PHE A 282 3.43 -26.20 3.99
CA PHE A 282 3.45 -27.18 2.93
C PHE A 282 2.28 -26.97 1.99
N GLY A 283 2.56 -26.43 0.82
CA GLY A 283 1.53 -26.29 -0.22
C GLY A 283 1.14 -27.66 -0.76
N PRO A 284 -0.15 -27.90 -0.92
CA PRO A 284 -0.57 -29.21 -1.43
C PRO A 284 -0.44 -29.25 -2.93
N VAL A 285 0.75 -29.59 -3.42
CA VAL A 285 1.11 -29.61 -4.84
C VAL A 285 0.59 -30.87 -5.52
N ARG A 286 -0.15 -30.65 -6.61
CA ARG A 286 -0.72 -31.72 -7.44
C ARG A 286 -0.81 -31.19 -8.87
N PRO A 287 -0.62 -32.04 -9.88
CA PRO A 287 -0.77 -31.60 -11.28
C PRO A 287 -2.07 -30.87 -11.51
N GLN A 288 -3.12 -31.27 -10.81
CA GLN A 288 -4.33 -30.47 -10.79
C GLN A 288 -5.08 -30.68 -9.51
N VAL A 289 -5.97 -29.75 -9.20
CA VAL A 289 -6.76 -29.89 -8.01
C VAL A 289 -7.57 -31.13 -8.13
N ARG A 290 -7.73 -31.86 -7.03
CA ARG A 290 -8.69 -32.94 -7.00
C ARG A 290 -10.01 -32.40 -6.46
N LEU A 291 -11.01 -32.42 -7.31
CA LEU A 291 -12.31 -31.92 -6.94
C LEU A 291 -13.28 -32.81 -7.65
N GLU A 292 -13.72 -33.84 -6.95
CA GLU A 292 -14.54 -34.86 -7.58
C GLU A 292 -15.29 -35.63 -6.54
N ARG A 293 -16.38 -36.22 -6.98
CA ARG A 293 -17.22 -37.06 -6.17
C ARG A 293 -16.70 -38.50 -6.19
N GLU A 294 -16.86 -39.22 -5.08
CA GLU A 294 -16.52 -40.64 -4.99
C GLU A 294 -17.50 -41.36 -4.05
N GLN A 295 -17.97 -42.54 -4.44
CA GLN A 295 -18.88 -43.32 -3.60
C GLN A 295 -18.09 -44.40 -2.87
N LEU A 296 -18.22 -44.45 -1.54
CA LEU A 296 -17.56 -45.47 -0.72
C LEU A 296 -18.61 -46.37 -0.03
N ARG A 297 -18.37 -47.68 -0.01
CA ARG A 297 -19.30 -48.64 0.60
C ARG A 297 -18.74 -49.17 1.90
N PHE A 298 -19.47 -48.94 3.00
CA PHE A 298 -19.12 -49.49 4.31
C PHE A 298 -20.35 -50.15 4.92
N GLY A 299 -20.35 -51.47 4.96
CA GLY A 299 -21.55 -52.24 5.27
C GLY A 299 -22.50 -52.20 4.08
N SER A 300 -23.79 -52.00 4.36
CA SER A 300 -24.82 -52.04 3.32
C SER A 300 -25.14 -50.65 2.76
N SER A 301 -24.64 -49.61 3.43
CA SER A 301 -24.93 -48.23 3.08
C SER A 301 -23.76 -47.52 2.37
N ASN A 302 -24.09 -46.73 1.36
CA ASN A 302 -23.09 -45.94 0.63
C ASN A 302 -22.85 -44.62 1.33
N THR A 303 -21.61 -44.15 1.26
CA THR A 303 -21.28 -42.83 1.78
C THR A 303 -20.73 -42.02 0.63
N GLU A 304 -21.12 -40.76 0.58
CA GLU A 304 -20.71 -39.91 -0.50
C GLU A 304 -19.52 -39.06 -0.04
N VAL A 305 -18.39 -39.17 -0.74
CA VAL A 305 -17.25 -38.28 -0.50
C VAL A 305 -17.06 -37.31 -1.63
N ILE A 306 -16.87 -36.05 -1.31
CA ILE A 306 -16.43 -35.07 -2.30
C ILE A 306 -15.06 -34.54 -1.90
N HIS A 307 -14.06 -34.78 -2.73
CA HIS A 307 -12.71 -34.30 -2.48
C HIS A 307 -12.56 -32.89 -2.96
N ASN A 308 -11.81 -32.10 -2.19
CA ASN A 308 -11.41 -30.78 -2.63
C ASN A 308 -10.03 -30.48 -2.04
N TYR A 309 -8.98 -30.94 -2.71
CA TYR A 309 -7.62 -30.73 -2.21
C TYR A 309 -6.60 -30.68 -3.33
N GLY A 310 -5.41 -30.21 -3.02
CA GLY A 310 -4.34 -30.13 -4.02
C GLY A 310 -4.30 -28.79 -4.73
N HIS A 311 -4.44 -27.71 -3.98
CA HIS A 311 -4.46 -26.35 -4.54
C HIS A 311 -3.09 -25.67 -4.52
N GLY A 312 -2.04 -26.45 -4.29
CA GLY A 312 -0.68 -25.95 -4.43
C GLY A 312 -0.47 -24.60 -3.77
N GLY A 313 0.18 -23.69 -4.50
CA GLY A 313 0.49 -22.37 -4.01
C GLY A 313 -0.54 -21.31 -4.39
N TYR A 314 -1.76 -21.77 -4.69
CA TYR A 314 -2.83 -20.86 -5.06
C TYR A 314 -4.20 -21.12 -4.39
N GLY A 315 -4.21 -21.81 -3.26
CA GLY A 315 -5.46 -22.02 -2.49
C GLY A 315 -6.31 -20.79 -2.16
N LEU A 316 -5.70 -19.70 -1.72
CA LEU A 316 -6.47 -18.49 -1.45
C LEU A 316 -7.05 -17.95 -2.74
N THR A 317 -6.21 -17.96 -3.76
CA THR A 317 -6.53 -17.40 -5.05
C THR A 317 -7.72 -18.13 -5.69
N ILE A 318 -7.86 -19.43 -5.44
CA ILE A 318 -8.84 -20.25 -6.16
C ILE A 318 -10.01 -20.74 -5.32
N HIS A 319 -9.95 -20.55 -4.00
CA HIS A 319 -10.82 -21.29 -3.10
C HIS A 319 -12.30 -21.18 -3.41
N TRP A 320 -12.77 -19.98 -3.75
CA TRP A 320 -14.22 -19.76 -3.83
C TRP A 320 -14.85 -20.49 -5.01
N GLY A 321 -14.19 -20.46 -6.16
CA GLY A 321 -14.65 -21.24 -7.28
C GLY A 321 -14.71 -22.72 -6.92
N CYS A 322 -13.74 -23.21 -6.16
CA CYS A 322 -13.75 -24.61 -5.81
C CYS A 322 -14.92 -24.90 -4.86
N ALA A 323 -15.15 -24.00 -3.91
CA ALA A 323 -16.25 -24.20 -2.97
C ALA A 323 -17.58 -24.25 -3.71
N LEU A 324 -17.74 -23.38 -4.70
CA LEU A 324 -18.93 -23.33 -5.52
C LEU A 324 -19.11 -24.64 -6.29
N GLU A 325 -18.01 -25.16 -6.83
CA GLU A 325 -18.08 -26.42 -7.57
C GLU A 325 -18.49 -27.59 -6.65
N VAL A 326 -17.98 -27.62 -5.42
CA VAL A 326 -18.35 -28.66 -4.46
C VAL A 326 -19.86 -28.57 -4.15
N ALA A 327 -20.35 -27.37 -3.93
CA ALA A 327 -21.77 -27.16 -3.72
C ALA A 327 -22.62 -27.66 -4.89
N LYS A 328 -22.14 -27.46 -6.11
CA LYS A 328 -22.81 -27.96 -7.30
C LYS A 328 -22.87 -29.50 -7.24
N LEU A 329 -21.75 -30.14 -6.90
CA LEU A 329 -21.73 -31.61 -6.81
C LEU A 329 -22.64 -32.08 -5.66
N PHE A 330 -22.69 -31.31 -4.57
CA PHE A 330 -23.59 -31.62 -3.47
C PHE A 330 -25.04 -31.58 -3.94
N GLY A 331 -25.38 -30.58 -4.74
CA GLY A 331 -26.70 -30.49 -5.35
C GLY A 331 -27.07 -31.76 -6.08
N LYS A 332 -26.11 -32.34 -6.79
CA LYS A 332 -26.34 -33.54 -7.57
C LYS A 332 -26.55 -34.78 -6.70
N VAL A 333 -25.84 -34.83 -5.57
CA VAL A 333 -26.08 -35.87 -4.57
C VAL A 333 -27.53 -35.81 -4.15
N LEU A 334 -27.99 -34.60 -3.81
CA LEU A 334 -29.36 -34.42 -3.39
C LEU A 334 -30.33 -34.87 -4.46
N GLU A 335 -30.06 -34.48 -5.70
CA GLU A 335 -31.05 -34.72 -6.72
C GLU A 335 -31.07 -36.20 -7.08
N GLU A 336 -29.97 -36.91 -6.82
CA GLU A 336 -29.91 -38.34 -7.06
C GLU A 336 -30.80 -39.07 -6.09
N ARG A 337 -31.09 -38.42 -4.97
CA ARG A 337 -31.94 -38.98 -3.93
C ARG A 337 -33.33 -38.36 -3.98
N ASN A 338 -33.75 -37.85 -5.13
CA ASN A 338 -35.09 -37.28 -5.27
C ASN A 338 -35.36 -36.09 -4.34
N LEU A 339 -34.31 -35.37 -3.95
CA LEU A 339 -34.50 -34.17 -3.14
C LEU A 339 -34.40 -32.96 -4.05
N LEU A 340 -35.03 -31.84 -3.69
CA LEU A 340 -35.20 -30.76 -4.67
C LEU A 340 -34.61 -29.39 -4.26
N THR A 341 -34.06 -28.67 -5.24
CA THR A 341 -33.74 -27.25 -5.08
C THR A 341 -34.74 -26.41 -5.90
N MET B 1 31.22 34.61 3.49
CA MET B 1 29.82 34.70 3.04
C MET B 1 28.93 34.06 4.13
N ARG B 2 28.17 34.89 4.83
CA ARG B 2 27.27 34.40 5.87
C ARG B 2 25.86 34.35 5.33
N VAL B 3 25.30 33.15 5.28
CA VAL B 3 23.96 32.96 4.76
C VAL B 3 23.09 32.51 5.90
N VAL B 4 22.01 33.25 6.13
CA VAL B 4 21.01 32.84 7.12
C VAL B 4 19.74 32.42 6.39
N VAL B 5 19.39 31.15 6.50
CA VAL B 5 18.13 30.66 6.03
C VAL B 5 17.14 30.83 7.16
N ILE B 6 16.03 31.54 6.92
CA ILE B 6 14.96 31.67 7.91
C ILE B 6 13.83 30.71 7.56
N GLY B 7 13.64 29.71 8.42
CA GLY B 7 12.61 28.72 8.21
C GLY B 7 13.21 27.33 8.22
N ALA B 8 12.56 26.43 8.95
CA ALA B 8 13.03 25.04 9.07
C ALA B 8 11.94 24.05 8.66
N GLY B 9 10.99 24.50 7.84
CA GLY B 9 10.05 23.60 7.17
C GLY B 9 10.71 22.99 5.94
N VAL B 10 9.92 22.34 5.10
CA VAL B 10 10.50 21.68 3.94
C VAL B 10 11.24 22.68 3.07
N ILE B 11 10.68 23.86 2.90
CA ILE B 11 11.28 24.80 1.98
C ILE B 11 12.64 25.26 2.49
N GLY B 12 12.65 25.72 3.74
CA GLY B 12 13.88 26.20 4.35
C GLY B 12 15.01 25.19 4.35
N LEU B 13 14.74 23.99 4.82
CA LEU B 13 15.80 23.00 4.98
C LEU B 13 16.29 22.48 3.65
N SER B 14 15.35 22.25 2.71
CA SER B 14 15.75 21.78 1.38
C SER B 14 16.63 22.83 0.74
N THR B 15 16.27 24.09 0.89
CA THR B 15 17.03 25.15 0.27
C THR B 15 18.43 25.23 0.89
N ALA B 16 18.50 25.16 2.21
CA ALA B 16 19.77 25.22 2.91
C ALA B 16 20.69 24.09 2.46
N LEU B 17 20.15 22.88 2.36
CA LEU B 17 20.95 21.77 1.89
C LEU B 17 21.43 22.00 0.47
N CYS B 18 20.52 22.46 -0.40
CA CYS B 18 20.87 22.61 -1.79
C CYS B 18 21.99 23.63 -1.94
N ILE B 19 21.89 24.74 -1.22
CA ILE B 19 22.93 25.76 -1.27
C ILE B 19 24.26 25.20 -0.78
N HIS B 20 24.21 24.53 0.36
CA HIS B 20 25.43 24.02 0.94
C HIS B 20 26.07 22.94 0.07
N GLU B 21 25.28 22.01 -0.43
CA GLU B 21 25.81 20.92 -1.26
C GLU B 21 26.43 21.49 -2.55
N ARG B 22 25.91 22.62 -3.03
CA ARG B 22 26.33 23.16 -4.31
C ARG B 22 27.62 23.98 -4.16
N TYR B 23 27.76 24.67 -3.03
CA TYR B 23 28.85 25.64 -2.92
C TYR B 23 29.88 25.32 -1.85
N HIS B 24 29.64 24.34 -1.00
CA HIS B 24 30.59 24.07 0.08
C HIS B 24 31.97 23.83 -0.48
N SER B 25 32.04 23.07 -1.58
CA SER B 25 33.33 22.67 -2.12
C SER B 25 34.11 23.83 -2.77
N VAL B 26 33.42 24.84 -3.30
CA VAL B 26 34.12 25.84 -4.10
C VAL B 26 34.24 27.21 -3.46
N LEU B 27 33.49 27.44 -2.40
CA LEU B 27 33.51 28.74 -1.72
C LEU B 27 33.92 28.57 -0.26
N GLN B 28 35.17 28.93 0.05
CA GLN B 28 35.59 29.16 1.42
C GLN B 28 35.84 30.66 1.61
N PRO B 29 35.33 31.24 2.70
CA PRO B 29 34.52 30.53 3.68
C PRO B 29 33.05 30.65 3.30
N LEU B 30 32.29 29.62 3.63
CA LEU B 30 30.85 29.63 3.45
C LEU B 30 30.26 29.26 4.80
N ASP B 31 29.46 30.16 5.34
CA ASP B 31 28.79 29.90 6.60
C ASP B 31 27.28 29.91 6.40
N VAL B 32 26.66 28.73 6.47
CA VAL B 32 25.21 28.63 6.35
C VAL B 32 24.59 28.28 7.70
N LYS B 33 23.67 29.13 8.17
CA LYS B 33 22.94 28.90 9.41
C LYS B 33 21.45 28.87 9.13
N VAL B 34 20.71 28.11 9.92
CA VAL B 34 19.23 28.12 9.87
C VAL B 34 18.68 28.76 11.13
N TYR B 35 17.83 29.76 10.97
CA TYR B 35 17.09 30.37 12.07
C TYR B 35 15.62 30.04 11.88
N ALA B 36 14.96 29.60 12.95
CA ALA B 36 13.51 29.43 12.89
C ALA B 36 12.98 29.43 14.30
N ASP B 37 11.68 29.69 14.44
CA ASP B 37 11.05 29.67 15.76
C ASP B 37 10.26 28.40 16.01
N ARG B 38 10.23 27.50 15.02
CA ARG B 38 9.69 26.16 15.19
C ARG B 38 10.47 25.20 14.32
N PHE B 39 10.89 24.08 14.92
CA PHE B 39 11.48 22.97 14.18
C PHE B 39 10.49 21.83 14.18
N THR B 40 10.69 20.84 13.32
CA THR B 40 9.94 19.56 13.48
C THR B 40 9.95 19.20 14.95
N PRO B 41 8.84 18.67 15.45
CA PRO B 41 7.61 18.37 14.71
C PRO B 41 6.59 19.50 14.67
N PHE B 42 7.03 20.74 14.79
CA PHE B 42 6.10 21.81 15.01
C PHE B 42 5.80 22.71 13.80
N THR B 43 6.16 22.27 12.60
CA THR B 43 5.95 23.09 11.41
C THR B 43 4.72 22.63 10.64
N THR B 44 4.20 23.49 9.77
CA THR B 44 3.11 23.10 8.88
C THR B 44 3.50 21.82 8.10
N THR B 45 4.76 21.77 7.69
CA THR B 45 5.28 20.65 6.94
C THR B 45 5.00 19.32 7.67
N ASP B 46 5.13 19.31 8.97
CA ASP B 46 4.95 18.08 9.74
C ASP B 46 3.53 17.54 9.65
N VAL B 47 2.61 18.40 9.26
CA VAL B 47 1.20 18.08 9.25
C VAL B 47 0.73 17.65 7.87
N ALA B 48 1.59 17.84 6.88
CA ALA B 48 1.24 17.54 5.50
C ALA B 48 0.81 16.09 5.29
N ALA B 49 -0.16 15.91 4.41
CA ALA B 49 -0.66 14.58 4.09
C ALA B 49 0.46 13.63 3.67
N GLY B 50 1.46 14.15 2.94
CA GLY B 50 2.60 13.36 2.55
C GLY B 50 2.68 12.98 1.05
N LEU B 51 1.70 13.35 0.22
CA LEU B 51 1.67 12.84 -1.17
C LEU B 51 2.25 13.81 -2.20
N TRP B 52 2.96 13.27 -3.20
CA TRP B 52 3.38 14.08 -4.34
C TRP B 52 2.22 14.14 -5.33
N GLN B 53 1.60 15.32 -5.44
CA GLN B 53 0.60 15.57 -6.47
C GLN B 53 0.31 17.07 -6.54
N PRO B 54 0.61 17.71 -7.68
CA PRO B 54 0.23 19.09 -7.91
C PRO B 54 -1.29 19.28 -7.98
N TYR B 55 -1.72 20.53 -7.95
CA TYR B 55 -3.11 20.86 -8.19
C TYR B 55 -3.55 20.36 -9.57
N THR B 56 -4.86 20.26 -9.76
CA THR B 56 -5.40 19.70 -11.00
C THR B 56 -5.33 20.66 -12.21
N SER B 57 -5.30 21.97 -11.99
CA SER B 57 -5.14 22.91 -13.12
C SER B 57 -3.70 23.36 -13.21
N GLU B 58 -3.24 23.75 -14.38
CA GLU B 58 -1.82 24.12 -14.50
C GLU B 58 -1.54 25.45 -13.82
N PRO B 59 -0.27 25.72 -13.53
CA PRO B 59 0.02 26.92 -12.79
C PRO B 59 0.05 28.12 -13.73
N SER B 60 -0.14 29.31 -13.19
CA SER B 60 0.04 30.53 -13.95
C SER B 60 1.49 30.58 -14.41
N ASN B 61 2.41 30.52 -13.46
CA ASN B 61 3.82 30.54 -13.79
C ASN B 61 4.26 29.19 -14.36
N PRO B 62 4.71 29.14 -15.63
CA PRO B 62 5.13 27.86 -16.21
C PRO B 62 6.40 27.25 -15.58
N GLN B 63 7.18 28.06 -14.86
CA GLN B 63 8.33 27.55 -14.12
C GLN B 63 7.92 26.54 -13.04
N GLU B 64 6.73 26.72 -12.46
CA GLU B 64 6.27 25.86 -11.36
C GLU B 64 6.10 24.42 -11.81
N ALA B 65 5.57 24.22 -13.01
CA ALA B 65 5.45 22.87 -13.58
C ALA B 65 6.81 22.17 -13.65
N ASN B 66 7.83 22.88 -14.10
CA ASN B 66 9.16 22.30 -14.15
C ASN B 66 9.71 22.00 -12.77
N TRP B 67 9.46 22.88 -11.80
CA TRP B 67 9.91 22.64 -10.41
C TRP B 67 9.26 21.39 -9.82
N ASN B 68 8.00 21.17 -10.18
CA ASN B 68 7.31 19.98 -9.75
C ASN B 68 7.97 18.77 -10.37
N GLN B 69 8.23 18.87 -11.67
CA GLN B 69 8.84 17.76 -12.36
C GLN B 69 10.21 17.40 -11.82
N GLN B 70 11.06 18.42 -11.63
CA GLN B 70 12.38 18.23 -11.04
C GLN B 70 12.25 17.59 -9.66
N THR B 71 11.19 17.92 -8.93
CA THR B 71 11.05 17.39 -7.59
C THR B 71 10.74 15.89 -7.67
N PHE B 72 9.85 15.52 -8.60
CA PHE B 72 9.49 14.13 -8.77
C PHE B 72 10.69 13.30 -9.16
N ASN B 73 11.44 13.77 -10.14
CA ASN B 73 12.61 13.07 -10.63
C ASN B 73 13.68 12.93 -9.56
N TYR B 74 13.89 13.98 -8.78
CA TYR B 74 14.76 13.92 -7.62
C TYR B 74 14.33 12.82 -6.63
N LEU B 75 13.06 12.81 -6.25
CA LEU B 75 12.58 11.87 -5.21
C LEU B 75 12.55 10.46 -5.75
N LEU B 76 12.04 10.28 -6.96
CA LEU B 76 12.01 8.97 -7.61
C LEU B 76 13.36 8.33 -7.64
N SER B 77 14.39 9.13 -7.91
CA SER B 77 15.71 8.57 -8.13
C SER B 77 16.30 8.05 -6.80
N HIS B 78 15.72 8.42 -5.67
CA HIS B 78 16.08 7.80 -4.37
C HIS B 78 15.46 6.40 -4.14
N ILE B 79 14.46 6.05 -4.92
CA ILE B 79 13.89 4.72 -4.79
C ILE B 79 14.90 3.73 -5.35
N GLY B 80 15.21 2.71 -4.55
CA GLY B 80 16.33 1.83 -4.83
C GLY B 80 17.37 2.05 -3.77
N SER B 81 17.41 3.25 -3.19
CA SER B 81 18.37 3.55 -2.14
C SER B 81 17.99 2.88 -0.82
N PRO B 82 18.99 2.45 -0.05
CA PRO B 82 18.61 1.81 1.21
C PRO B 82 17.97 2.76 2.20
N ASN B 83 18.17 4.06 2.02
CA ASN B 83 17.65 5.01 3.01
C ASN B 83 16.35 5.71 2.62
N ALA B 84 15.71 5.26 1.55
CA ALA B 84 14.53 5.95 1.06
C ALA B 84 13.45 6.10 2.15
N ALA B 85 13.11 5.00 2.84
CA ALA B 85 12.07 5.06 3.86
C ALA B 85 12.49 5.93 5.06
N ASN B 86 13.75 5.85 5.45
CA ASN B 86 14.26 6.77 6.50
C ASN B 86 14.18 8.26 6.10
N MET B 87 14.11 8.53 4.80
CA MET B 87 13.92 9.88 4.32
C MET B 87 12.45 10.27 4.37
N GLY B 88 11.56 9.33 4.64
CA GLY B 88 10.10 9.58 4.58
C GLY B 88 9.46 9.26 3.24
N LEU B 89 10.19 8.50 2.42
CA LEU B 89 9.85 8.30 1.01
C LEU B 89 9.51 6.86 0.73
N THR B 90 8.38 6.62 0.06
CA THR B 90 8.07 5.31 -0.49
C THR B 90 7.10 5.47 -1.67
N PRO B 91 7.11 4.54 -2.64
CA PRO B 91 6.13 4.62 -3.73
C PRO B 91 4.72 4.23 -3.28
N VAL B 92 3.70 4.87 -3.84
CA VAL B 92 2.30 4.54 -3.59
C VAL B 92 1.54 4.67 -4.85
N SER B 93 0.50 3.88 -4.97
CA SER B 93 -0.40 3.96 -6.09
C SER B 93 -1.76 4.40 -5.58
N GLY B 94 -2.55 5.05 -6.44
CA GLY B 94 -3.84 5.53 -5.98
C GLY B 94 -4.77 6.07 -7.03
N TYR B 95 -5.92 6.54 -6.55
CA TYR B 95 -7.05 6.87 -7.37
C TYR B 95 -7.41 8.37 -7.22
N ASN B 96 -7.73 9.03 -8.33
CA ASN B 96 -8.29 10.37 -8.31
C ASN B 96 -9.70 10.28 -8.90
N LEU B 97 -10.70 10.69 -8.12
CA LEU B 97 -12.08 10.43 -8.43
C LEU B 97 -12.90 11.71 -8.68
N PHE B 98 -13.72 11.66 -9.73
CA PHE B 98 -14.58 12.78 -10.13
C PHE B 98 -16.03 12.35 -10.38
N ARG B 99 -16.96 13.30 -10.24
CA ARG B 99 -18.36 13.05 -10.53
C ARG B 99 -18.63 13.15 -12.02
N GLU B 100 -17.64 13.63 -12.77
CA GLU B 100 -17.80 13.77 -14.22
C GLU B 100 -16.45 13.80 -14.89
N ALA B 101 -16.47 13.68 -16.21
CA ALA B 101 -15.26 13.71 -17.00
C ALA B 101 -14.56 15.06 -16.82
N VAL B 102 -13.22 15.01 -16.76
CA VAL B 102 -12.40 16.23 -16.70
C VAL B 102 -11.19 16.08 -17.61
N PRO B 103 -10.50 17.17 -17.94
CA PRO B 103 -9.31 16.93 -18.74
C PRO B 103 -8.23 16.23 -17.94
N ASP B 104 -7.28 15.61 -18.65
CA ASP B 104 -6.07 15.09 -18.04
C ASP B 104 -5.29 16.24 -17.40
N PRO B 105 -4.58 15.96 -16.30
CA PRO B 105 -3.74 16.96 -15.65
C PRO B 105 -2.41 17.15 -16.36
N TYR B 106 -1.81 18.33 -16.19
CA TYR B 106 -0.58 18.65 -16.89
C TYR B 106 0.55 17.75 -16.45
N TRP B 107 0.41 17.17 -15.26
CA TRP B 107 1.43 16.32 -14.65
C TRP B 107 1.29 14.82 -14.97
N LYS B 108 0.39 14.49 -15.87
CA LYS B 108 0.08 13.10 -16.15
C LYS B 108 1.28 12.26 -16.60
N ASP B 109 2.24 12.88 -17.28
CA ASP B 109 3.44 12.14 -17.69
C ASP B 109 4.56 12.20 -16.66
N MET B 110 4.46 13.09 -15.70
CA MET B 110 5.46 13.12 -14.63
C MET B 110 5.33 11.91 -13.72
N VAL B 111 4.11 11.61 -13.29
CA VAL B 111 3.89 10.42 -12.48
C VAL B 111 4.14 9.17 -13.32
N LEU B 112 3.94 8.01 -12.70
CA LEU B 112 4.19 6.71 -13.34
C LEU B 112 2.87 6.00 -13.68
N GLY B 113 2.73 5.56 -14.92
CA GLY B 113 1.61 4.67 -15.28
C GLY B 113 0.25 5.34 -15.18
N PHE B 114 0.19 6.63 -15.47
CA PHE B 114 -1.07 7.34 -15.45
C PHE B 114 -2.05 6.75 -16.46
N ARG B 115 -3.31 6.55 -16.07
CA ARG B 115 -4.37 6.17 -17.02
C ARG B 115 -5.75 6.51 -16.46
N LYS B 116 -6.77 6.44 -17.30
CA LYS B 116 -8.15 6.55 -16.85
C LYS B 116 -8.60 5.26 -16.19
N LEU B 117 -9.53 5.40 -15.25
CA LEU B 117 -10.13 4.26 -14.57
C LEU B 117 -11.10 3.54 -15.53
N THR B 118 -11.13 2.22 -15.46
CA THR B 118 -12.05 1.40 -16.25
C THR B 118 -13.40 1.26 -15.53
N PRO B 119 -14.48 0.98 -16.28
CA PRO B 119 -15.78 0.75 -15.68
C PRO B 119 -15.77 -0.16 -14.46
N ARG B 120 -14.99 -1.25 -14.50
CA ARG B 120 -14.93 -2.16 -13.36
C ARG B 120 -14.42 -1.44 -12.13
N GLU B 121 -13.34 -0.67 -12.34
CA GLU B 121 -12.68 0.06 -11.26
C GLU B 121 -13.64 1.05 -10.63
N LEU B 122 -14.44 1.70 -11.47
CA LEU B 122 -15.37 2.70 -11.01
C LEU B 122 -16.45 2.14 -10.06
N ASP B 123 -16.82 0.86 -10.23
CA ASP B 123 -17.79 0.20 -9.33
C ASP B 123 -17.28 0.17 -7.88
N MET B 124 -15.96 0.12 -7.70
CA MET B 124 -15.40 0.14 -6.35
C MET B 124 -15.74 1.42 -5.61
N PHE B 125 -16.10 2.44 -6.39
CA PHE B 125 -16.41 3.76 -5.86
C PHE B 125 -17.78 4.22 -6.36
N PRO B 126 -18.83 3.76 -5.67
CA PRO B 126 -20.21 3.97 -6.08
C PRO B 126 -20.53 5.44 -6.38
N ASP B 127 -20.00 6.38 -5.58
CA ASP B 127 -20.40 7.78 -5.74
C ASP B 127 -19.76 8.55 -6.91
N TYR B 128 -18.87 7.91 -7.68
CA TYR B 128 -18.05 8.65 -8.64
C TYR B 128 -18.10 8.00 -10.00
N ARG B 129 -17.94 8.80 -11.06
CA ARG B 129 -18.23 8.31 -12.41
C ARG B 129 -17.03 8.36 -13.34
N TYR B 130 -15.92 8.94 -12.88
CA TYR B 130 -14.76 9.11 -13.74
C TYR B 130 -13.53 9.33 -12.89
N GLY B 131 -12.37 8.88 -13.34
CA GLY B 131 -11.15 9.13 -12.56
C GLY B 131 -9.87 8.68 -13.18
N TRP B 132 -8.80 8.76 -12.38
CA TRP B 132 -7.48 8.38 -12.81
C TRP B 132 -6.87 7.35 -11.89
N PHE B 133 -5.92 6.62 -12.43
CA PHE B 133 -5.03 5.81 -11.61
C PHE B 133 -3.63 6.26 -11.94
N ASN B 134 -2.76 6.34 -10.93
CA ASN B 134 -1.33 6.46 -11.17
C ASN B 134 -0.51 6.04 -9.94
N THR B 135 0.79 5.91 -10.15
CA THR B 135 1.72 5.65 -9.10
C THR B 135 2.47 6.96 -8.85
N SER B 136 2.62 7.31 -7.57
CA SER B 136 3.38 8.48 -7.17
C SER B 136 4.25 8.13 -5.97
N LEU B 137 4.61 9.13 -5.18
CA LEU B 137 5.43 8.90 -4.00
C LEU B 137 4.83 9.55 -2.78
N ILE B 138 4.93 8.85 -1.65
CA ILE B 138 4.72 9.42 -0.33
C ILE B 138 6.03 10.12 0.06
N LEU B 139 5.94 11.37 0.48
CA LEU B 139 7.05 12.03 1.17
C LEU B 139 6.50 12.55 2.49
N GLU B 140 6.82 11.85 3.55
CA GLU B 140 6.32 12.20 4.86
C GLU B 140 7.06 13.40 5.41
N GLY B 141 6.32 14.47 5.65
CA GLY B 141 6.91 15.72 6.12
C GLY B 141 7.81 15.57 7.32
N ARG B 142 7.28 14.96 8.36
CA ARG B 142 8.01 14.72 9.62
C ARG B 142 9.35 14.01 9.40
N LYS B 143 9.31 12.87 8.74
CA LYS B 143 10.53 12.09 8.57
C LYS B 143 11.51 12.84 7.66
N TYR B 144 11.00 13.51 6.63
CA TYR B 144 11.90 14.20 5.69
C TYR B 144 12.62 15.33 6.41
N LEU B 145 11.91 16.04 7.28
CA LEU B 145 12.56 17.12 8.06
C LEU B 145 13.65 16.59 8.98
N GLN B 146 13.38 15.47 9.65
CA GLN B 146 14.41 14.84 10.49
C GLN B 146 15.60 14.42 9.68
N TRP B 147 15.35 13.86 8.48
CA TRP B 147 16.44 13.50 7.57
C TRP B 147 17.24 14.73 7.12
N LEU B 148 16.56 15.75 6.63
CA LEU B 148 17.26 16.96 6.19
C LEU B 148 18.06 17.59 7.34
N THR B 149 17.50 17.62 8.53
CA THR B 149 18.24 18.26 9.59
C THR B 149 19.48 17.44 9.95
N GLU B 150 19.40 16.11 9.85
CA GLU B 150 20.60 15.30 10.10
C GLU B 150 21.67 15.52 9.03
N ARG B 151 21.23 15.61 7.77
CA ARG B 151 22.16 15.80 6.65
C ARG B 151 22.85 17.15 6.75
N LEU B 152 22.10 18.15 7.20
CA LEU B 152 22.59 19.50 7.34
C LEU B 152 23.61 19.59 8.50
N THR B 153 23.19 19.07 9.65
CA THR B 153 24.01 19.00 10.84
C THR B 153 25.36 18.31 10.62
N GLU B 154 25.35 17.17 9.96
CA GLU B 154 26.58 16.45 9.66
C GLU B 154 27.49 17.27 8.78
N ARG B 155 26.94 18.19 8.00
CA ARG B 155 27.75 18.99 7.09
C ARG B 155 28.15 20.28 7.78
N GLY B 156 27.85 20.39 9.08
CA GLY B 156 28.25 21.57 9.85
C GLY B 156 27.33 22.79 9.73
N VAL B 157 26.14 22.61 9.19
CA VAL B 157 25.18 23.70 9.19
C VAL B 157 24.54 23.77 10.59
N LYS B 158 24.53 24.96 11.18
CA LYS B 158 24.07 25.13 12.56
C LYS B 158 22.66 25.71 12.62
N PHE B 159 21.87 25.25 13.59
CA PHE B 159 20.50 25.68 13.77
C PHE B 159 20.32 26.55 15.02
N PHE B 160 19.40 27.51 14.95
CA PHE B 160 19.11 28.37 16.07
C PHE B 160 17.64 28.60 16.18
N LEU B 161 17.12 28.23 17.34
CA LEU B 161 15.73 28.44 17.68
C LEU B 161 15.60 29.92 18.05
N ARG B 162 15.04 30.71 17.13
CA ARG B 162 15.05 32.15 17.18
C ARG B 162 13.85 32.70 16.41
N LYS B 163 13.10 33.61 17.00
CA LYS B 163 12.05 34.31 16.29
C LYS B 163 12.66 35.57 15.69
N VAL B 164 12.64 35.66 14.36
CA VAL B 164 13.16 36.84 13.69
C VAL B 164 12.08 37.92 13.65
N GLU B 165 12.47 39.12 14.08
CA GLU B 165 11.54 40.24 14.21
C GLU B 165 11.57 41.08 12.93
N SER B 166 12.71 41.11 12.25
CA SER B 166 12.83 41.85 10.99
C SER B 166 13.99 41.31 10.18
N PHE B 167 14.00 41.56 8.88
CA PHE B 167 15.16 41.24 8.05
C PHE B 167 16.32 42.10 8.52
N GLU B 168 16.01 43.35 8.85
CA GLU B 168 17.04 44.29 9.26
C GLU B 168 17.92 43.71 10.37
N GLU B 169 17.29 43.16 11.39
CA GLU B 169 17.99 42.61 12.55
C GLU B 169 19.00 41.52 12.15
N VAL B 170 18.59 40.67 11.22
CA VAL B 170 19.44 39.57 10.78
C VAL B 170 20.61 40.09 9.95
N ALA B 171 20.33 41.05 9.07
CA ALA B 171 21.38 41.70 8.29
C ALA B 171 22.42 42.37 9.21
N ARG B 172 21.94 43.09 10.21
CA ARG B 172 22.81 43.80 11.15
C ARG B 172 23.62 42.83 12.02
N GLY B 173 23.04 41.67 12.31
CA GLY B 173 23.73 40.63 13.03
C GLY B 173 24.85 39.98 12.23
N GLY B 174 24.96 40.32 10.94
CA GLY B 174 26.11 39.87 10.15
C GLY B 174 25.81 38.95 8.98
N ALA B 175 24.54 38.79 8.60
CA ALA B 175 24.21 38.04 7.39
C ALA B 175 24.42 38.84 6.11
N ASP B 176 25.17 38.24 5.17
CA ASP B 176 25.35 38.82 3.85
C ASP B 176 24.18 38.47 2.96
N VAL B 177 23.63 37.29 3.16
CA VAL B 177 22.49 36.81 2.39
C VAL B 177 21.46 36.16 3.29
N ILE B 178 20.20 36.53 3.07
CA ILE B 178 19.07 35.96 3.78
C ILE B 178 18.19 35.21 2.80
N ILE B 179 17.85 33.97 3.13
CA ILE B 179 16.89 33.21 2.35
C ILE B 179 15.60 33.13 3.15
N ASN B 180 14.53 33.68 2.59
CA ASN B 180 13.31 33.86 3.34
C ASN B 180 12.35 32.72 3.04
N CYS B 181 12.35 31.73 3.94
CA CYS B 181 11.50 30.55 3.82
C CYS B 181 10.57 30.44 5.02
N THR B 182 9.81 31.50 5.23
CA THR B 182 8.97 31.63 6.40
C THR B 182 7.52 31.18 6.19
N GLY B 183 7.24 30.56 5.05
CA GLY B 183 5.92 30.03 4.81
C GLY B 183 4.82 31.06 4.96
N VAL B 184 3.76 30.68 5.66
CA VAL B 184 2.54 31.47 5.68
C VAL B 184 2.70 32.71 6.54
N TRP B 185 3.78 32.81 7.31
CA TRP B 185 4.01 33.95 8.19
C TRP B 185 4.99 34.99 7.61
N ALA B 186 5.30 34.85 6.32
CA ALA B 186 6.24 35.76 5.67
C ALA B 186 5.78 37.23 5.77
N GLY B 187 4.47 37.42 5.82
CA GLY B 187 3.86 38.75 5.86
C GLY B 187 4.29 39.57 7.06
N VAL B 188 4.66 38.90 8.15
CA VAL B 188 5.18 39.56 9.35
C VAL B 188 6.49 40.30 9.07
N LEU B 189 7.34 39.75 8.24
CA LEU B 189 8.61 40.38 7.97
C LEU B 189 8.52 41.39 6.82
N GLN B 190 7.53 41.20 5.95
CA GLN B 190 7.28 42.12 4.84
C GLN B 190 5.84 41.91 4.33
N PRO B 191 4.98 42.91 4.53
CA PRO B 191 3.60 42.72 4.12
C PRO B 191 3.49 42.19 2.70
N ASP B 192 2.65 41.17 2.53
CA ASP B 192 2.38 40.61 1.21
C ASP B 192 0.91 40.25 1.16
N PRO B 193 0.09 41.12 0.57
CA PRO B 193 -1.36 40.93 0.62
C PRO B 193 -1.86 39.81 -0.29
N LEU B 194 -0.98 39.22 -1.08
CA LEU B 194 -1.34 38.08 -1.90
C LEU B 194 -1.25 36.78 -1.10
N LEU B 195 -0.61 36.84 0.07
CA LEU B 195 -0.32 35.62 0.84
C LEU B 195 -1.41 35.38 1.87
N GLN B 196 -2.06 34.21 1.80
CA GLN B 196 -3.17 33.88 2.69
C GLN B 196 -3.05 32.50 3.29
N PRO B 197 -3.62 32.31 4.48
CA PRO B 197 -3.53 30.97 5.05
C PRO B 197 -4.52 30.03 4.37
N GLY B 198 -4.05 28.85 4.01
CA GLY B 198 -4.92 27.78 3.51
C GLY B 198 -5.16 26.79 4.62
N ARG B 199 -6.22 26.99 5.37
CA ARG B 199 -6.45 26.20 6.58
C ARG B 199 -6.92 24.80 6.23
N GLY B 200 -6.11 23.83 6.62
CA GLY B 200 -6.42 22.45 6.41
C GLY B 200 -6.44 21.73 7.75
N GLN B 201 -7.51 20.97 7.98
CA GLN B 201 -7.60 20.09 9.13
C GLN B 201 -7.56 18.66 8.64
N ILE B 202 -6.97 17.79 9.45
CA ILE B 202 -6.84 16.39 9.07
C ILE B 202 -7.02 15.51 10.28
N ILE B 203 -7.38 14.25 10.03
CA ILE B 203 -7.47 13.25 11.06
C ILE B 203 -6.47 12.14 10.73
N LYS B 204 -5.60 11.81 11.68
CA LYS B 204 -4.66 10.72 11.51
C LYS B 204 -5.18 9.47 12.21
N VAL B 205 -5.02 8.35 11.54
CA VAL B 205 -5.71 7.14 11.92
C VAL B 205 -4.78 5.94 11.69
N ASP B 206 -4.88 4.92 12.55
CA ASP B 206 -4.22 3.61 12.32
C ASP B 206 -5.16 2.79 11.52
N ALA B 207 -4.82 2.56 10.27
CA ALA B 207 -5.61 1.70 9.40
C ALA B 207 -4.67 1.10 8.38
N PRO B 208 -3.75 0.25 8.85
CA PRO B 208 -2.62 -0.15 8.02
C PRO B 208 -3.02 -1.01 6.84
N TRP B 209 -4.27 -1.50 6.80
CA TRP B 209 -4.74 -2.26 5.63
C TRP B 209 -4.93 -1.41 4.37
N LEU B 210 -5.01 -0.10 4.51
CA LEU B 210 -5.20 0.76 3.36
C LEU B 210 -3.84 1.03 2.68
N LYS B 211 -3.69 0.55 1.45
CA LYS B 211 -2.41 0.59 0.74
C LYS B 211 -2.41 1.61 -0.39
N ASN B 212 -3.55 2.23 -0.69
CA ASN B 212 -3.65 3.13 -1.85
C ASN B 212 -4.14 4.52 -1.46
N PHE B 213 -3.67 5.57 -2.13
CA PHE B 213 -4.28 6.87 -1.89
C PHE B 213 -5.59 6.94 -2.65
N ILE B 214 -6.54 7.65 -2.07
CA ILE B 214 -7.81 7.89 -2.71
C ILE B 214 -8.14 9.36 -2.52
N ILE B 215 -8.21 10.08 -3.63
CA ILE B 215 -8.51 11.50 -3.60
C ILE B 215 -9.74 11.81 -4.47
N THR B 216 -10.78 12.32 -3.81
CA THR B 216 -11.99 12.71 -4.49
C THR B 216 -11.94 14.19 -4.77
N HIS B 217 -12.62 14.60 -5.82
CA HIS B 217 -12.71 16.02 -6.15
C HIS B 217 -14.16 16.47 -6.31
N ASP B 218 -14.41 17.67 -5.81
CA ASP B 218 -15.69 18.33 -5.94
C ASP B 218 -15.41 19.64 -6.67
N LEU B 219 -15.71 19.65 -7.97
CA LEU B 219 -15.43 20.82 -8.83
C LEU B 219 -16.14 22.09 -8.34
N GLU B 220 -17.23 21.92 -7.60
CA GLU B 220 -18.01 23.03 -7.05
C GLU B 220 -17.43 23.64 -5.77
N ARG B 221 -16.69 22.87 -4.98
CA ARG B 221 -16.22 23.38 -3.68
C ARG B 221 -14.72 23.70 -3.58
N GLY B 222 -13.95 23.50 -4.66
CA GLY B 222 -12.53 23.84 -4.64
C GLY B 222 -11.59 22.75 -4.11
N ILE B 223 -10.33 22.88 -4.49
CA ILE B 223 -9.35 21.80 -4.29
C ILE B 223 -9.24 21.43 -2.79
N TYR B 224 -9.26 20.13 -2.54
CA TYR B 224 -9.12 19.52 -1.20
C TYR B 224 -10.27 19.84 -0.23
N ASN B 225 -11.39 20.31 -0.79
CA ASN B 225 -12.62 20.37 -0.04
C ASN B 225 -13.54 19.23 -0.47
N SER B 226 -12.99 18.04 -0.39
CA SER B 226 -13.64 16.81 -0.79
C SER B 226 -12.80 15.70 -0.15
N PRO B 227 -13.42 14.57 0.21
CA PRO B 227 -12.71 13.60 1.01
C PRO B 227 -11.44 13.08 0.36
N LEU B 228 -10.39 12.93 1.15
CA LEU B 228 -9.15 12.33 0.66
C LEU B 228 -8.51 11.42 1.70
N ILE B 229 -7.89 10.36 1.21
CA ILE B 229 -7.31 9.36 2.06
C ILE B 229 -5.92 9.05 1.56
N ILE B 230 -4.94 9.24 2.43
CA ILE B 230 -3.55 9.08 2.02
C ILE B 230 -2.79 8.25 3.03
N PRO B 231 -2.46 7.00 2.66
CA PRO B 231 -1.65 6.15 3.51
C PRO B 231 -0.26 6.72 3.70
N GLY B 232 0.14 6.87 4.96
CA GLY B 232 1.48 7.28 5.27
C GLY B 232 2.32 6.09 5.62
N LEU B 233 3.51 6.37 6.13
CA LEU B 233 4.44 5.32 6.45
C LEU B 233 3.91 4.47 7.61
N GLN B 234 3.31 5.12 8.59
CA GLN B 234 2.84 4.45 9.80
C GLN B 234 1.38 4.71 10.13
N ALA B 235 0.77 5.64 9.41
CA ALA B 235 -0.58 6.06 9.75
C ALA B 235 -1.20 6.49 8.47
N VAL B 236 -2.49 6.75 8.53
CA VAL B 236 -3.23 7.19 7.37
C VAL B 236 -3.77 8.60 7.62
N THR B 237 -3.62 9.48 6.65
CA THR B 237 -4.16 10.81 6.74
C THR B 237 -5.49 10.93 6.03
N LEU B 238 -6.48 11.40 6.80
CA LEU B 238 -7.82 11.62 6.31
C LEU B 238 -8.04 13.11 6.24
N GLY B 239 -8.54 13.59 5.11
CA GLY B 239 -8.70 15.03 4.91
C GLY B 239 -9.98 15.36 4.18
N GLY B 240 -10.15 16.64 3.90
CA GLY B 240 -11.36 17.09 3.23
C GLY B 240 -11.76 18.55 3.42
N THR B 241 -10.94 19.36 4.09
CA THR B 241 -11.21 20.81 4.17
C THR B 241 -9.95 21.63 3.87
N PHE B 242 -10.17 22.78 3.25
CA PHE B 242 -9.08 23.65 2.83
C PHE B 242 -9.67 25.03 2.53
N GLN B 243 -9.81 25.87 3.57
CA GLN B 243 -10.42 27.20 3.46
C GLN B 243 -9.36 28.32 3.47
N VAL B 244 -9.33 29.12 2.41
CA VAL B 244 -8.39 30.23 2.37
C VAL B 244 -8.92 31.37 3.22
N GLY B 245 -8.02 32.00 3.97
CA GLY B 245 -8.34 33.19 4.73
C GLY B 245 -8.64 32.92 6.19
N ASN B 246 -8.69 31.66 6.58
CA ASN B 246 -9.06 31.35 7.96
C ASN B 246 -7.82 31.13 8.84
N TRP B 247 -7.64 32.01 9.82
CA TRP B 247 -6.43 31.99 10.66
C TRP B 247 -6.60 31.21 11.97
N ASN B 248 -7.72 30.51 12.13
CA ASN B 248 -7.92 29.75 13.34
C ASN B 248 -7.05 28.49 13.41
N GLU B 249 -6.02 28.49 14.27
CA GLU B 249 -5.10 27.34 14.33
C GLU B 249 -5.63 26.23 15.25
N ILE B 250 -6.88 26.36 15.69
CA ILE B 250 -7.53 25.36 16.53
C ILE B 250 -8.43 24.43 15.69
N ASN B 251 -8.40 23.13 15.99
CA ASN B 251 -9.33 22.16 15.38
C ASN B 251 -10.76 22.56 15.69
N ASN B 252 -11.65 22.44 14.72
CA ASN B 252 -13.07 22.57 15.05
C ASN B 252 -13.93 21.36 14.70
N ILE B 253 -15.17 21.44 15.15
CA ILE B 253 -16.07 20.33 15.18
C ILE B 253 -16.63 20.05 13.78
N GLN B 254 -17.03 21.08 13.05
CA GLN B 254 -17.63 20.86 11.73
C GLN B 254 -16.66 20.14 10.79
N ASP B 255 -15.43 20.62 10.76
CA ASP B 255 -14.45 20.07 9.86
C ASP B 255 -14.13 18.62 10.27
N HIS B 256 -14.01 18.34 11.56
CA HIS B 256 -13.89 16.96 12.02
C HIS B 256 -14.98 16.05 11.39
N ASN B 257 -16.22 16.53 11.44
CA ASN B 257 -17.36 15.77 10.93
C ASN B 257 -17.34 15.62 9.42
N THR B 258 -17.05 16.72 8.72
CA THR B 258 -16.93 16.68 7.28
C THR B 258 -15.89 15.64 6.86
N ILE B 259 -14.76 15.62 7.55
CA ILE B 259 -13.67 14.70 7.23
C ILE B 259 -14.05 13.26 7.56
N TRP B 260 -14.53 13.04 8.77
CA TRP B 260 -14.84 11.69 9.20
C TRP B 260 -15.98 11.05 8.38
N GLU B 261 -17.09 11.76 8.18
CA GLU B 261 -18.21 11.15 7.46
C GLU B 261 -17.93 11.05 5.97
N GLY B 262 -17.21 12.01 5.41
CA GLY B 262 -16.84 11.94 4.01
C GLY B 262 -15.97 10.72 3.76
N CYS B 263 -14.99 10.55 4.64
CA CYS B 263 -14.03 9.48 4.48
C CYS B 263 -14.61 8.12 4.87
N CYS B 264 -15.45 8.05 5.91
CA CYS B 264 -16.14 6.78 6.28
C CYS B 264 -17.05 6.35 5.08
N ARG B 265 -17.70 7.29 4.41
CA ARG B 265 -18.50 6.98 3.22
C ARG B 265 -17.62 6.48 2.04
N LEU B 266 -16.47 7.13 1.82
CA LEU B 266 -15.52 6.71 0.77
C LEU B 266 -14.97 5.33 1.09
N GLU B 267 -14.60 5.13 2.35
CA GLU B 267 -13.84 3.98 2.77
C GLU B 267 -14.44 3.42 4.06
N PRO B 268 -15.51 2.64 3.92
CA PRO B 268 -16.29 2.27 5.12
C PRO B 268 -15.56 1.39 6.11
N THR B 269 -14.43 0.81 5.70
CA THR B 269 -13.64 0.01 6.62
C THR B 269 -13.05 0.86 7.71
N LEU B 270 -13.12 2.17 7.55
CA LEU B 270 -12.57 3.11 8.55
C LEU B 270 -13.29 2.99 9.88
N LYS B 271 -14.44 2.31 9.89
CA LYS B 271 -15.18 2.14 11.12
C LYS B 271 -14.32 1.51 12.23
N ASP B 272 -13.33 0.69 11.88
CA ASP B 272 -12.50 0.06 12.89
C ASP B 272 -11.12 0.70 13.06
N ALA B 273 -10.91 1.89 12.48
CA ALA B 273 -9.60 2.54 12.56
C ALA B 273 -9.49 3.38 13.82
N LYS B 274 -8.37 3.25 14.52
CA LYS B 274 -8.19 4.00 15.76
C LYS B 274 -7.65 5.39 15.45
N ILE B 275 -8.33 6.40 15.96
CA ILE B 275 -7.90 7.76 15.80
C ILE B 275 -6.58 7.94 16.55
N VAL B 276 -5.62 8.60 15.92
CA VAL B 276 -4.28 8.76 16.45
C VAL B 276 -4.03 10.22 16.80
N GLY B 277 -4.67 11.11 16.06
CA GLY B 277 -4.51 12.53 16.25
C GLY B 277 -5.33 13.31 15.27
N GLU B 278 -5.59 14.56 15.62
CA GLU B 278 -6.33 15.42 14.75
C GLU B 278 -5.56 16.73 14.72
N TYR B 279 -5.34 17.28 13.53
CA TYR B 279 -4.44 18.44 13.39
C TYR B 279 -4.94 19.52 12.42
N THR B 280 -4.41 20.72 12.60
CA THR B 280 -4.74 21.85 11.74
C THR B 280 -3.46 22.52 11.29
N GLY B 281 -3.36 22.84 10.00
CA GLY B 281 -2.20 23.53 9.48
C GLY B 281 -2.59 24.62 8.48
N PHE B 282 -1.64 25.50 8.17
CA PHE B 282 -1.85 26.59 7.26
C PHE B 282 -0.95 26.50 6.06
N GLY B 283 -1.55 26.17 4.91
CA GLY B 283 -0.85 26.22 3.64
C GLY B 283 -0.61 27.67 3.23
N PRO B 284 0.61 27.98 2.79
CA PRO B 284 0.90 29.35 2.35
C PRO B 284 0.38 29.62 0.95
N VAL B 285 -0.90 29.97 0.86
CA VAL B 285 -1.57 30.22 -0.43
C VAL B 285 -1.18 31.56 -1.03
N ARG B 286 -0.78 31.53 -2.30
CA ARG B 286 -0.43 32.73 -3.07
C ARG B 286 -0.73 32.41 -4.54
N PRO B 287 -1.20 33.40 -5.31
CA PRO B 287 -1.45 33.18 -6.74
C PRO B 287 -0.26 32.52 -7.42
N GLN B 288 0.94 32.83 -6.97
CA GLN B 288 2.10 32.10 -7.40
C GLN B 288 3.19 32.13 -6.36
N VAL B 289 4.12 31.19 -6.46
CA VAL B 289 5.18 31.13 -5.50
C VAL B 289 6.01 32.40 -5.60
N ARG B 290 6.42 32.94 -4.46
CA ARG B 290 7.39 34.03 -4.50
C ARG B 290 8.80 33.47 -4.38
N LEU B 291 9.56 33.57 -5.46
CA LEU B 291 10.88 33.02 -5.52
C LEU B 291 11.67 34.01 -6.32
N GLU B 292 12.28 34.95 -5.60
CA GLU B 292 12.91 36.04 -6.25
C GLU B 292 13.88 36.73 -5.31
N ARG B 293 14.80 37.43 -5.93
CA ARG B 293 15.83 38.19 -5.26
C ARG B 293 15.35 39.63 -4.93
N GLU B 294 15.81 40.17 -3.81
CA GLU B 294 15.50 41.55 -3.44
C GLU B 294 16.70 42.13 -2.69
N GLN B 295 17.04 43.37 -2.97
CA GLN B 295 18.18 44.01 -2.29
C GLN B 295 17.67 44.88 -1.15
N LEU B 296 18.27 44.70 0.03
CA LEU B 296 17.99 45.57 1.18
C LEU B 296 19.25 46.32 1.62
N ARG B 297 19.00 47.44 2.26
CA ARG B 297 20.05 48.41 2.55
C ARG B 297 19.90 48.88 3.98
N PHE B 298 20.74 48.34 4.84
CA PHE B 298 20.84 48.79 6.21
C PHE B 298 22.31 49.02 6.49
N GLY B 299 22.63 50.04 7.27
CA GLY B 299 24.02 50.33 7.60
C GLY B 299 24.89 50.60 6.38
N SER B 300 26.04 49.93 6.33
CA SER B 300 27.10 50.30 5.41
C SER B 300 27.21 49.40 4.19
N SER B 301 26.31 48.42 4.09
CA SER B 301 26.36 47.50 2.97
C SER B 301 24.96 47.09 2.55
N ASN B 302 24.88 46.49 1.37
CA ASN B 302 23.64 45.89 0.94
C ASN B 302 23.56 44.45 1.47
N THR B 303 22.34 44.01 1.76
CA THR B 303 22.13 42.64 2.11
C THR B 303 21.17 42.07 1.09
N GLU B 304 21.45 40.86 0.65
CA GLU B 304 20.67 40.22 -0.39
C GLU B 304 19.63 39.30 0.26
N VAL B 305 18.36 39.51 -0.03
CA VAL B 305 17.30 38.57 0.38
C VAL B 305 16.80 37.77 -0.83
N ILE B 306 16.70 36.46 -0.67
CA ILE B 306 16.04 35.65 -1.67
C ILE B 306 14.82 35.02 -1.02
N HIS B 307 13.64 35.37 -1.53
CA HIS B 307 12.40 34.82 -1.02
C HIS B 307 12.14 33.47 -1.64
N ASN B 308 11.55 32.58 -0.86
CA ASN B 308 11.05 31.28 -1.34
C ASN B 308 9.88 30.88 -0.44
N TYR B 309 8.70 31.40 -0.74
CA TYR B 309 7.50 31.10 0.05
C TYR B 309 6.25 31.22 -0.80
N GLY B 310 5.15 30.69 -0.28
CA GLY B 310 3.87 30.74 -0.95
C GLY B 310 3.61 29.52 -1.78
N HIS B 311 3.89 28.34 -1.24
CA HIS B 311 3.76 27.08 -2.00
C HIS B 311 2.43 26.35 -1.74
N GLY B 312 1.48 27.06 -1.14
CA GLY B 312 0.13 26.55 -0.93
C GLY B 312 0.07 25.13 -0.41
N GLY B 313 -0.78 24.32 -1.02
CA GLY B 313 -0.92 22.91 -0.67
C GLY B 313 -0.06 21.95 -1.47
N TYR B 314 1.06 22.45 -2.02
CA TYR B 314 1.96 21.61 -2.80
C TYR B 314 3.47 21.81 -2.48
N GLY B 315 3.79 22.35 -1.31
CA GLY B 315 5.19 22.52 -0.90
C GLY B 315 6.08 21.28 -0.95
N LEU B 316 5.59 20.14 -0.50
CA LEU B 316 6.34 18.89 -0.63
C LEU B 316 6.53 18.51 -2.10
N THR B 317 5.45 18.65 -2.84
CA THR B 317 5.43 18.32 -4.26
C THR B 317 6.43 19.15 -5.07
N ILE B 318 6.66 20.41 -4.68
CA ILE B 318 7.44 21.35 -5.51
C ILE B 318 8.79 21.77 -4.93
N HIS B 319 9.08 21.36 -3.70
CA HIS B 319 10.19 21.97 -2.93
C HIS B 319 11.55 21.91 -3.62
N TRP B 320 11.87 20.80 -4.28
CA TRP B 320 13.25 20.62 -4.73
C TRP B 320 13.61 21.50 -5.93
N GLY B 321 12.70 21.63 -6.88
CA GLY B 321 12.87 22.60 -7.96
C GLY B 321 13.01 24.02 -7.43
N CYS B 322 12.26 24.37 -6.38
CA CYS B 322 12.43 25.68 -5.77
C CYS B 322 13.80 25.85 -5.12
N ALA B 323 14.28 24.82 -4.43
CA ALA B 323 15.58 24.89 -3.79
C ALA B 323 16.69 25.09 -4.81
N LEU B 324 16.58 24.39 -5.93
CA LEU B 324 17.54 24.49 -7.01
C LEU B 324 17.59 25.91 -7.57
N GLU B 325 16.42 26.52 -7.76
CA GLU B 325 16.34 27.85 -8.34
C GLU B 325 16.97 28.87 -7.39
N VAL B 326 16.74 28.71 -6.09
CA VAL B 326 17.33 29.61 -5.11
C VAL B 326 18.86 29.48 -5.12
N ALA B 327 19.35 28.25 -5.13
CA ALA B 327 20.79 28.04 -5.23
C ALA B 327 21.36 28.72 -6.49
N LYS B 328 20.63 28.68 -7.60
CA LYS B 328 21.05 29.37 -8.82
C LYS B 328 21.16 30.88 -8.56
N LEU B 329 20.10 31.45 -8.00
CA LEU B 329 20.09 32.89 -7.75
C LEU B 329 21.24 33.22 -6.81
N PHE B 330 21.53 32.34 -5.87
CA PHE B 330 22.65 32.54 -4.95
C PHE B 330 23.95 32.61 -5.75
N GLY B 331 24.11 31.74 -6.72
CA GLY B 331 25.27 31.77 -7.61
C GLY B 331 25.48 33.13 -8.27
N LYS B 332 24.38 33.73 -8.68
CA LYS B 332 24.46 35.05 -9.31
C LYS B 332 24.97 36.06 -8.31
N VAL B 333 24.45 35.99 -7.09
CA VAL B 333 24.87 36.89 -6.02
C VAL B 333 26.38 36.82 -5.80
N LEU B 334 26.91 35.61 -5.76
CA LEU B 334 28.33 35.41 -5.55
C LEU B 334 29.18 36.04 -6.66
N GLU B 335 28.72 35.91 -7.91
CA GLU B 335 29.52 36.44 -8.99
C GLU B 335 29.46 37.99 -9.03
N GLU B 336 28.32 38.55 -8.66
CA GLU B 336 28.20 40.01 -8.55
C GLU B 336 29.11 40.55 -7.46
N ARG B 337 29.43 39.69 -6.50
CA ARG B 337 30.36 40.03 -5.44
C ARG B 337 31.78 39.60 -5.75
N ASN B 338 32.01 39.07 -6.95
CA ASN B 338 33.36 38.64 -7.35
C ASN B 338 33.94 37.50 -6.50
N LEU B 339 33.06 36.59 -6.08
CA LEU B 339 33.49 35.29 -5.52
C LEU B 339 33.19 34.19 -6.55
PA FAD C . -4.62 -26.28 4.97
O1A FAD C . -4.76 -24.80 5.17
O2A FAD C . -3.31 -27.00 5.25
O5B FAD C . -5.79 -26.91 5.87
C5B FAD C . -5.97 -28.31 5.86
C4B FAD C . -6.86 -28.74 7.02
O4B FAD C . -7.06 -30.16 6.99
C3B FAD C . -6.28 -28.45 8.40
O3B FAD C . -7.32 -27.98 9.26
C2B FAD C . -5.79 -29.80 8.89
O2B FAD C . -5.80 -29.94 10.31
C1B FAD C . -6.86 -30.67 8.30
N9A FAD C . -6.53 -32.08 8.22
C8A FAD C . -5.69 -32.68 7.36
N7A FAD C . -5.70 -34.03 7.57
C5A FAD C . -6.58 -34.27 8.57
C6A FAD C . -7.10 -35.45 9.29
N6A FAD C . -6.66 -36.67 8.96
N1A FAD C . -8.00 -35.25 10.28
C2A FAD C . -8.44 -34.04 10.60
N3A FAD C . -8.01 -32.93 9.97
C4A FAD C . -7.11 -32.99 8.98
N1 FAD C . -1.90 -19.33 -1.97
C2 FAD C . -2.40 -18.19 -2.45
O2 FAD C . -3.44 -18.23 -3.14
N3 FAD C . -1.83 -16.98 -2.26
C4 FAD C . -0.71 -16.85 -1.54
O4 FAD C . -0.20 -15.73 -1.31
C4X FAD C . -0.09 -18.06 -1.01
N5 FAD C . 1.04 -17.97 -0.30
C5X FAD C . 1.57 -19.12 0.16
C6 FAD C . 2.73 -19.00 0.89
C7 FAD C . 3.33 -20.14 1.41
C7M FAD C . 4.59 -20.04 2.20
C8 FAD C . 2.69 -21.46 1.18
C8M FAD C . 3.35 -22.70 1.74
C9 FAD C . 1.54 -21.57 0.45
C9A FAD C . 0.92 -20.45 -0.08
N10 FAD C . -0.31 -20.56 -0.77
C10 FAD C . -0.78 -19.34 -1.26
C1' FAD C . -1.03 -21.81 -1.17
C2' FAD C . -1.89 -22.82 -0.36
O2' FAD C . -2.98 -23.47 -1.07
C3' FAD C . -2.59 -22.26 0.80
O3' FAD C . -1.52 -21.96 1.73
C4' FAD C . -3.81 -23.12 1.30
O4' FAD C . -3.74 -22.91 2.69
C5' FAD C . -4.10 -24.64 1.17
O5' FAD C . -5.44 -24.85 1.74
P FAD C . -6.12 -26.14 2.48
O1P FAD C . -6.35 -27.19 1.43
O2P FAD C . -7.29 -25.68 3.31
O3P FAD C . -5.01 -26.75 3.47
S SO4 D . -8.44 -36.29 -10.56
O1 SO4 D . -8.47 -36.63 -12.00
O2 SO4 D . -8.12 -34.85 -10.38
O3 SO4 D . -9.78 -36.58 -10.00
O4 SO4 D . -7.42 -37.16 -9.89
S SO4 E . 8.29 6.20 -18.49
O1 SO4 E . 7.77 5.65 -19.76
O2 SO4 E . 8.80 7.58 -18.70
O3 SO4 E . 7.21 6.22 -17.46
O4 SO4 E . 9.42 5.36 -18.09
N 98B F . 1.60 -17.65 -3.68
C 98B F . 2.92 -17.10 -3.51
C7 98B F . 2.79 -15.72 -2.85
C1 98B F . 3.79 -18.06 -2.77
C2 98B F . 3.65 -19.43 -2.97
C3 98B F . 4.48 -20.33 -2.31
C4 98B F . 5.45 -19.88 -1.41
C5 98B F . 5.60 -18.51 -1.20
C6 98B F . 4.77 -17.61 -1.88
PA FAD G . 6.46 25.63 7.10
O1A FAD G . 6.66 24.16 7.11
O2A FAD G . 5.22 26.19 7.78
O5B FAD G . 7.81 26.30 7.65
C5B FAD G . 7.76 27.65 8.11
C4B FAD G . 9.04 27.85 8.90
O4B FAD G . 9.37 29.23 9.04
C3B FAD G . 8.96 27.30 10.29
O3B FAD G . 10.24 26.77 10.61
C2B FAD G . 8.63 28.55 11.11
O2B FAD G . 8.97 28.38 12.47
C1B FAD G . 9.52 29.53 10.41
N9A FAD G . 9.27 30.98 10.61
C8A FAD G . 8.27 31.70 10.09
N7A FAD G . 8.40 33.00 10.48
C5A FAD G . 9.48 33.10 11.24
C6A FAD G . 10.18 34.18 11.95
N6A FAD G . 9.65 35.42 11.89
N1A FAD G . 11.29 33.90 12.65
C2A FAD G . 11.76 32.65 12.69
N3A FAD G . 11.17 31.62 12.07
C4A FAD G . 10.07 31.77 11.32
N1 FAD G . 1.94 19.57 0.20
C2 FAD G . 2.21 18.50 -0.55
O2 FAD G . 3.04 18.65 -1.47
N3 FAD G . 1.63 17.29 -0.36
C4 FAD G . 0.72 17.06 0.59
O4 FAD G . 0.20 15.92 0.76
C4X FAD G . 0.36 18.20 1.45
N5 FAD G . -0.56 18.06 2.43
C5X FAD G . -0.87 19.12 3.22
C6 FAD G . -1.80 18.95 4.22
C7 FAD G . -2.16 19.99 5.05
C7M FAD G . -3.19 19.75 6.13
C8 FAD G . -1.53 21.32 4.87
C8M FAD G . -1.93 22.44 5.79
C9 FAD G . -0.59 21.50 3.87
C9A FAD G . -0.23 20.45 3.04
N10 FAD G . 0.71 20.60 2.02
C10 FAD G . 1.02 19.49 1.21
C1' FAD G . 1.34 21.88 1.81
C2' FAD G . 2.63 21.93 2.62
O2' FAD G . 2.42 21.46 3.95
C3' FAD G . 3.18 23.34 2.65
O3' FAD G . 3.18 23.90 1.31
C4' FAD G . 4.61 23.34 3.19
O4' FAD G . 4.71 22.58 4.41
C5' FAD G . 5.09 24.75 3.43
O5' FAD G . 6.50 24.69 3.70
P FAD G . 7.23 25.93 4.34
O1P FAD G . 7.07 27.06 3.37
O2P FAD G . 8.62 25.42 4.71
O3P FAD G . 6.38 26.32 5.65
S SO4 H . 30.79 18.25 -1.18
O1 SO4 H . 30.47 18.28 -2.63
O2 SO4 H . 32.25 18.03 -0.98
O3 SO4 H . 30.03 17.12 -0.56
O4 SO4 H . 30.40 19.55 -0.57
S SO4 I . 13.16 15.05 16.96
O1 SO4 I . 13.79 13.73 17.22
O2 SO4 I . 13.26 15.31 15.50
O3 SO4 I . 11.72 15.07 17.35
O4 SO4 I . 13.90 16.07 17.73
N 98B J . -1.84 18.21 -0.94
C 98B J . -3.10 17.61 -0.56
C7 98B J . -2.99 16.09 -0.42
C1 98B J . -3.69 18.28 0.64
C2 98B J . -3.55 19.65 0.81
C3 98B J . -4.13 20.28 1.92
C4 98B J . -4.88 19.55 2.85
C5 98B J . -5.03 18.18 2.67
C6 98B J . -4.44 17.55 1.58
#